data_6DKN
#
_entry.id   6DKN
#
_cell.length_a   69.080
_cell.length_b   80.878
_cell.length_c   125.880
_cell.angle_alpha   90.00
_cell.angle_beta   90.00
_cell.angle_gamma   90.00
#
_symmetry.space_group_name_H-M   'P 21 21 21'
#
loop_
_entity.id
_entity.type
_entity.pdbx_description
1 polymer 'Decapping nuclease DXO homolog, chloroplastic'
2 water water
#
_entity_poly.entity_id   1
_entity_poly.type   'polypeptide(L)'
_entity_poly.pdbx_seq_one_letter_code
;RFVSELKLSKSKETLARKQTNFQEPCELTCYSRVEGGEVIYDDQGLRLFKRHIGEEIGADLNQGYDTFIEKKDLGSEGFG
DLLGSIRAKNISLDNIHFVTFRNNLNKILGAAYNRHEPWEMGVHKRNGTIYLDVHKLPERPQSDLDRRRCYWGYCFESLA
TEDPGRAYGEEIHHVDANVEFCSVVRTKLGAHRVMMGAEMDCCDVSDKGKRFYVELKTTRELDDRTVDRFEREKLLKFWI
QSFVAGVPYIVVGFRDDGGRLVRTERLTTRDIAHRARLKNYWQGGVCLAFADEVLCWLYGTVKENEDYILQFVHPFMRLE
LLQAQSCPDAITNHVHLLQNPASPPPPPQ
;
_entity_poly.pdbx_strand_id   A,B
#
# COMPACT_ATOMS: atom_id res chain seq x y z
N ARG A 1 -5.05 -2.69 43.92
CA ARG A 1 -5.20 -3.44 42.63
C ARG A 1 -3.99 -3.27 41.67
N PHE A 2 -3.27 -2.14 41.73
CA PHE A 2 -1.99 -1.98 41.00
C PHE A 2 -0.87 -2.67 41.79
N VAL A 3 -0.15 -3.60 41.16
CA VAL A 3 0.89 -4.35 41.88
C VAL A 3 2.29 -3.92 41.50
N SER A 4 2.56 -3.75 40.21
CA SER A 4 3.90 -3.41 39.78
C SER A 4 3.85 -2.91 38.35
N GLU A 5 4.86 -2.19 37.95
CA GLU A 5 4.95 -1.75 36.56
C GLU A 5 6.34 -1.96 36.05
N LEU A 6 6.47 -2.02 34.73
CA LEU A 6 7.78 -1.97 34.07
C LEU A 6 7.76 -0.86 33.02
N LYS A 7 8.57 0.15 33.24
CA LYS A 7 8.58 1.28 32.33
C LYS A 7 9.41 0.95 31.10
N LEU A 8 8.91 1.36 29.94
CA LEU A 8 9.68 1.28 28.74
C LEU A 8 10.71 2.41 28.87
N SER A 9 11.73 2.13 29.68
CA SER A 9 12.75 3.07 30.13
C SER A 9 13.95 3.07 29.21
N LYS A 10 14.37 1.87 28.82
CA LYS A 10 15.57 1.72 28.03
C LYS A 10 15.31 2.10 26.58
N SER A 11 16.27 2.85 26.04
CA SER A 11 16.30 3.16 24.62
C SER A 11 16.54 1.90 23.83
N LYS A 12 16.14 1.95 22.57
CA LYS A 12 16.44 0.87 21.66
C LYS A 12 17.93 0.76 21.41
N GLU A 13 18.66 1.88 21.44
CA GLU A 13 20.12 1.82 21.27
C GLU A 13 20.77 1.02 22.39
N THR A 14 20.28 1.19 23.62
CA THR A 14 20.72 0.37 24.73
C THR A 14 20.44 -1.07 24.33
N LEU A 15 19.16 -1.40 24.19
CA LEU A 15 18.76 -2.76 23.87
C LEU A 15 19.38 -3.29 22.55
N ALA A 16 19.61 -2.42 21.56
CA ALA A 16 20.15 -2.87 20.26
C ALA A 16 21.57 -3.45 20.38
N ARG A 17 22.33 -2.96 21.37
CA ARG A 17 23.70 -3.41 21.65
C ARG A 17 23.69 -4.66 22.52
N LYS A 18 22.53 -5.02 23.05
CA LYS A 18 22.48 -6.06 24.07
C LYS A 18 22.34 -7.43 23.43
N GLN A 19 23.10 -8.41 23.93
CA GLN A 19 23.09 -9.77 23.41
C GLN A 19 22.26 -10.61 24.38
N THR A 20 21.31 -11.36 23.84
CA THR A 20 20.38 -12.14 24.65
C THR A 20 20.42 -13.54 24.13
N ASN A 21 20.63 -14.51 25.00
CA ASN A 21 20.67 -15.89 24.55
C ASN A 21 19.25 -16.34 24.27
N PHE A 22 19.10 -17.11 23.21
CA PHE A 22 17.83 -17.72 22.87
C PHE A 22 18.06 -19.15 22.39
N GLN A 23 17.55 -20.13 23.15
CA GLN A 23 17.74 -21.52 22.79
C GLN A 23 16.99 -21.87 21.52
N GLU A 24 17.70 -22.47 20.59
CA GLU A 24 17.06 -22.95 19.38
C GLU A 24 15.79 -23.75 19.73
N PRO A 25 14.61 -23.27 19.29
CA PRO A 25 13.41 -24.01 19.67
C PRO A 25 13.34 -25.49 19.24
N CYS A 26 12.73 -26.30 20.10
CA CYS A 26 12.66 -27.76 19.93
C CYS A 26 11.26 -28.27 20.19
N GLU A 27 10.67 -28.94 19.22
CA GLU A 27 9.37 -29.52 19.41
C GLU A 27 9.47 -30.72 20.34
N LEU A 28 8.63 -30.75 21.36
CA LEU A 28 8.57 -31.92 22.27
C LEU A 28 7.36 -32.80 22.01
N THR A 29 6.23 -32.20 21.66
CA THR A 29 5.04 -32.94 21.27
C THR A 29 4.15 -32.06 20.40
N CYS A 30 2.97 -32.56 20.06
CA CYS A 30 2.04 -31.84 19.21
C CYS A 30 0.65 -32.43 19.40
N TYR A 31 -0.36 -31.70 18.93
CA TYR A 31 -1.71 -32.19 18.93
C TYR A 31 -2.52 -31.64 17.78
N SER A 32 -3.55 -32.38 17.42
CA SER A 32 -4.45 -32.03 16.37
C SER A 32 -5.88 -31.92 16.87
N ARG A 33 -6.56 -30.84 16.50
CA ARG A 33 -7.99 -30.69 16.77
C ARG A 33 -8.71 -30.98 15.50
N VAL A 34 -9.44 -32.09 15.50
CA VAL A 34 -10.01 -32.61 14.27
C VAL A 34 -11.45 -32.20 14.12
N GLU A 35 -12.03 -32.48 12.95
CA GLU A 35 -13.39 -32.05 12.69
C GLU A 35 -14.29 -32.69 13.75
N GLY A 36 -15.18 -31.88 14.32
CA GLY A 36 -16.03 -32.34 15.40
C GLY A 36 -15.53 -31.85 16.74
N GLY A 37 -14.22 -31.68 16.89
CA GLY A 37 -13.67 -31.04 18.09
C GLY A 37 -12.75 -31.89 18.94
N GLU A 38 -12.61 -33.18 18.60
CA GLU A 38 -11.76 -34.04 19.39
C GLU A 38 -10.30 -33.62 19.22
N VAL A 39 -9.56 -33.62 20.32
CA VAL A 39 -8.12 -33.40 20.29
C VAL A 39 -7.39 -34.74 20.40
N ILE A 40 -6.42 -34.96 19.52
CA ILE A 40 -5.61 -36.15 19.51
C ILE A 40 -4.17 -35.70 19.57
N TYR A 41 -3.37 -36.34 20.42
CA TYR A 41 -1.99 -35.89 20.65
C TYR A 41 -1.04 -36.47 19.63
N ASP A 42 -1.27 -36.12 18.37
CA ASP A 42 -0.44 -36.55 17.24
C ASP A 42 -0.62 -35.59 16.07
N ASP A 43 0.03 -35.84 14.94
CA ASP A 43 0.10 -34.88 13.80
C ASP A 43 -0.91 -35.11 12.64
N GLN A 44 -2.01 -35.83 12.91
CA GLN A 44 -3.07 -36.11 11.92
C GLN A 44 -3.42 -34.92 11.13
N GLY A 45 -3.45 -33.78 11.83
CA GLY A 45 -3.98 -32.53 11.31
C GLY A 45 -2.95 -31.67 10.57
N LEU A 46 -1.69 -32.08 10.56
CA LEU A 46 -0.60 -31.29 9.96
C LEU A 46 -0.63 -31.43 8.44
N ARG A 47 -0.83 -30.32 7.76
CA ARG A 47 -0.89 -30.28 6.29
C ARG A 47 0.46 -30.15 5.64
N LEU A 48 0.59 -30.59 4.38
CA LEU A 48 1.79 -30.47 3.61
C LEU A 48 1.72 -29.25 2.72
N PHE A 49 2.75 -28.44 2.72
CA PHE A 49 2.87 -27.28 1.83
C PHE A 49 2.83 -27.68 0.34
N LYS A 50 2.09 -26.89 -0.42
CA LYS A 50 2.06 -27.00 -1.87
C LYS A 50 3.10 -26.06 -2.47
N ARG A 51 4.20 -26.65 -2.90
CA ARG A 51 5.35 -25.90 -3.39
C ARG A 51 5.06 -24.97 -4.57
N HIS A 52 4.08 -25.35 -5.40
CA HIS A 52 3.72 -24.56 -6.58
C HIS A 52 2.57 -23.61 -6.35
N ILE A 53 2.34 -23.20 -5.09
CA ILE A 53 1.38 -22.11 -4.76
C ILE A 53 1.53 -20.84 -5.59
N GLY A 54 2.77 -20.51 -5.96
CA GLY A 54 3.06 -19.37 -6.80
C GLY A 54 2.37 -19.40 -8.16
N GLU A 55 1.94 -20.59 -8.60
CA GLU A 55 1.24 -20.75 -9.88
C GLU A 55 -0.27 -20.51 -9.74
N GLU A 56 -0.76 -20.22 -8.53
CA GLU A 56 -2.20 -20.00 -8.27
C GLU A 56 -2.57 -18.50 -8.32
N ILE A 57 -1.66 -17.67 -8.78
CA ILE A 57 -1.94 -16.23 -8.91
C ILE A 57 -3.22 -16.05 -9.71
N GLY A 58 -4.10 -15.16 -9.27
CA GLY A 58 -5.44 -14.99 -9.88
C GLY A 58 -6.57 -15.69 -9.16
N ALA A 59 -6.24 -16.63 -8.27
CA ALA A 59 -7.27 -17.36 -7.53
C ALA A 59 -8.22 -16.42 -6.80
N ASP A 60 -9.50 -16.75 -6.86
CA ASP A 60 -10.51 -16.01 -6.17
C ASP A 60 -10.58 -16.55 -4.74
N LEU A 61 -10.13 -15.78 -3.77
CA LEU A 61 -10.14 -16.26 -2.37
C LEU A 61 -11.52 -16.30 -1.72
N ASN A 62 -12.52 -15.77 -2.41
CA ASN A 62 -13.90 -15.98 -2.03
C ASN A 62 -14.40 -17.41 -2.24
N GLN A 63 -13.70 -18.22 -3.04
CA GLN A 63 -14.25 -19.55 -3.39
C GLN A 63 -14.46 -20.33 -2.10
N GLY A 64 -15.66 -20.88 -1.97
CA GLY A 64 -16.05 -21.66 -0.82
C GLY A 64 -16.53 -20.92 0.41
N TYR A 65 -16.58 -19.58 0.35
CA TYR A 65 -17.02 -18.81 1.50
C TYR A 65 -18.38 -19.28 2.02
N ASP A 66 -19.28 -19.62 1.12
CA ASP A 66 -20.64 -20.02 1.54
C ASP A 66 -20.73 -21.38 2.21
N THR A 67 -19.65 -22.16 2.17
CA THR A 67 -19.60 -23.37 3.00
C THR A 67 -18.54 -23.36 4.11
N PHE A 68 -18.00 -22.18 4.42
CA PHE A 68 -17.01 -21.98 5.45
C PHE A 68 -17.61 -22.25 6.82
N ILE A 69 -16.86 -22.95 7.68
CA ILE A 69 -17.21 -23.09 9.10
C ILE A 69 -16.31 -22.24 9.98
N GLU A 70 -16.88 -21.19 10.57
CA GLU A 70 -16.12 -20.22 11.35
C GLU A 70 -15.59 -20.77 12.68
N LYS A 71 -14.54 -20.13 13.19
CA LYS A 71 -13.83 -20.58 14.40
C LYS A 71 -14.54 -20.18 15.70
N LYS A 72 -14.52 -21.09 16.68
CA LYS A 72 -15.13 -20.86 17.98
C LYS A 72 -14.05 -20.43 18.97
N ASP A 73 -14.33 -19.34 19.68
CA ASP A 73 -13.49 -18.88 20.77
C ASP A 73 -13.67 -19.88 21.92
N LEU A 74 -12.60 -20.59 22.27
CA LEU A 74 -12.62 -21.62 23.31
C LEU A 74 -12.12 -21.12 24.66
N GLY A 75 -11.26 -20.10 24.63
CA GLY A 75 -10.71 -19.50 25.84
C GLY A 75 -9.65 -20.35 26.53
N SER A 76 -9.74 -20.39 27.85
CA SER A 76 -8.78 -21.14 28.67
C SER A 76 -9.03 -22.67 28.61
N GLU A 77 -10.24 -23.07 28.21
CA GLU A 77 -10.50 -24.45 27.78
C GLU A 77 -9.49 -24.95 26.72
N GLY A 78 -9.20 -24.11 25.71
CA GLY A 78 -8.18 -24.40 24.70
C GLY A 78 -6.80 -24.59 25.31
N PHE A 79 -6.48 -23.75 26.29
CA PHE A 79 -5.23 -23.89 27.05
C PHE A 79 -5.14 -25.24 27.78
N GLY A 80 -6.30 -25.76 28.23
CA GLY A 80 -6.38 -27.11 28.81
C GLY A 80 -5.91 -28.24 27.93
N ASP A 81 -6.12 -28.10 26.62
CA ASP A 81 -5.64 -29.05 25.64
C ASP A 81 -4.12 -29.03 25.57
N LEU A 82 -3.53 -27.81 25.57
CA LEU A 82 -2.09 -27.68 25.57
C LEU A 82 -1.49 -28.32 26.82
N LEU A 83 -2.05 -27.98 27.97
CA LEU A 83 -1.62 -28.53 29.21
C LEU A 83 -1.77 -30.08 29.27
N GLY A 84 -2.89 -30.58 28.79
CA GLY A 84 -3.15 -32.03 28.68
C GLY A 84 -2.08 -32.76 27.86
N SER A 85 -1.70 -32.14 26.73
CA SER A 85 -0.68 -32.71 25.87
C SER A 85 0.67 -32.75 26.56
N ILE A 86 0.99 -31.71 27.35
CA ILE A 86 2.24 -31.65 28.12
C ILE A 86 2.27 -32.77 29.18
N ARG A 87 1.19 -32.89 29.95
CA ARG A 87 1.12 -33.99 30.94
C ARG A 87 1.23 -35.37 30.29
N ALA A 88 0.51 -35.55 29.18
CA ALA A 88 0.43 -36.85 28.49
C ALA A 88 1.78 -37.36 27.96
N LYS A 89 2.65 -36.46 27.58
CA LYS A 89 3.95 -36.81 27.00
C LYS A 89 5.05 -36.82 28.05
N ASN A 90 4.70 -36.63 29.30
CA ASN A 90 5.66 -36.64 30.39
C ASN A 90 6.73 -35.55 30.30
N ILE A 91 6.33 -34.38 29.82
CA ILE A 91 7.19 -33.21 29.83
C ILE A 91 7.16 -32.61 31.22
N SER A 92 8.32 -32.53 31.86
CA SER A 92 8.37 -32.07 33.24
C SER A 92 8.35 -30.55 33.26
N LEU A 93 7.48 -29.96 34.08
CA LEU A 93 7.43 -28.52 34.24
C LEU A 93 8.15 -28.02 35.48
N ASP A 94 8.80 -28.93 36.21
CA ASP A 94 9.36 -28.62 37.54
C ASP A 94 10.26 -27.38 37.58
N ASN A 95 11.09 -27.19 36.56
CA ASN A 95 11.97 -26.00 36.48
C ASN A 95 11.75 -25.18 35.15
N ILE A 96 10.52 -25.24 34.64
CA ILE A 96 10.10 -24.42 33.52
C ILE A 96 9.46 -23.17 34.09
N HIS A 97 9.98 -22.01 33.68
CA HIS A 97 9.56 -20.72 34.21
C HIS A 97 8.24 -20.21 33.66
N PHE A 98 7.98 -20.42 32.37
CA PHE A 98 6.74 -19.95 31.73
C PHE A 98 6.12 -21.01 30.83
N VAL A 99 4.80 -21.12 30.89
CA VAL A 99 4.03 -22.00 29.97
C VAL A 99 2.92 -21.15 29.42
N THR A 100 2.76 -21.16 28.09
CA THR A 100 1.86 -20.21 27.43
C THR A 100 1.59 -20.66 26.01
N PHE A 101 0.45 -20.28 25.48
CA PHE A 101 0.36 -20.17 24.01
C PHE A 101 1.36 -19.12 23.49
N ARG A 102 1.87 -19.38 22.29
CA ARG A 102 2.77 -18.50 21.63
C ARG A 102 2.23 -17.04 21.52
N ASN A 103 0.92 -16.91 21.38
CA ASN A 103 0.26 -15.61 21.27
C ASN A 103 0.74 -14.59 22.32
N ASN A 104 0.92 -15.06 23.57
CA ASN A 104 1.36 -14.14 24.61
C ASN A 104 2.82 -13.72 24.49
N LEU A 105 3.67 -14.64 24.01
CA LEU A 105 5.05 -14.29 23.67
C LEU A 105 5.15 -13.31 22.52
N ASN A 106 4.27 -13.43 21.51
CA ASN A 106 4.23 -12.47 20.40
C ASN A 106 3.99 -11.05 20.94
N LYS A 107 3.12 -10.98 21.94
CA LYS A 107 2.69 -9.69 22.50
C LYS A 107 3.81 -9.06 23.32
N ILE A 108 4.51 -9.89 24.10
CA ILE A 108 5.63 -9.42 24.92
C ILE A 108 6.81 -8.94 24.07
N LEU A 109 7.25 -9.75 23.11
CA LEU A 109 8.28 -9.33 22.15
C LEU A 109 7.84 -8.10 21.34
N GLY A 110 6.58 -8.06 20.92
CA GLY A 110 6.13 -6.95 20.08
C GLY A 110 6.12 -5.60 20.82
N ALA A 111 6.05 -5.65 22.15
CA ALA A 111 5.90 -4.39 22.92
C ALA A 111 7.14 -3.51 22.90
N ALA A 112 8.28 -4.06 22.48
CA ALA A 112 9.45 -3.25 22.23
C ALA A 112 9.18 -2.12 21.22
N TYR A 113 8.34 -2.40 20.21
CA TYR A 113 7.98 -1.43 19.15
C TYR A 113 6.51 -1.00 19.10
N ASN A 114 5.62 -1.86 19.53
CA ASN A 114 4.19 -1.61 19.42
C ASN A 114 3.79 -0.42 20.29
N ARG A 115 3.15 0.59 19.69
CA ARG A 115 2.67 1.78 20.46
C ARG A 115 1.24 2.12 20.11
N HIS A 116 0.45 1.13 19.65
CA HIS A 116 -0.93 1.36 19.16
C HIS A 116 -1.92 0.25 19.51
N GLU A 117 -1.45 -0.98 19.72
CA GLU A 117 -2.33 -2.14 19.84
C GLU A 117 -2.28 -2.71 21.24
N PRO A 118 -3.33 -2.50 22.02
CA PRO A 118 -3.33 -2.92 23.39
C PRO A 118 -3.54 -4.42 23.53
N TRP A 119 -3.11 -4.94 24.67
CA TRP A 119 -3.30 -6.33 25.04
C TRP A 119 -3.33 -6.53 26.53
N GLU A 120 -3.83 -7.69 26.90
CA GLU A 120 -3.88 -8.14 28.26
C GLU A 120 -3.73 -9.66 28.28
N MET A 121 -3.11 -10.17 29.34
CA MET A 121 -3.08 -11.57 29.60
C MET A 121 -3.18 -11.83 31.09
N GLY A 122 -3.62 -13.04 31.41
CA GLY A 122 -3.66 -13.55 32.75
C GLY A 122 -2.30 -14.14 33.11
N VAL A 123 -1.93 -14.01 34.38
CA VAL A 123 -0.63 -14.44 34.91
C VAL A 123 -0.88 -15.22 36.21
N HIS A 124 -0.50 -16.49 36.23
CA HIS A 124 -0.90 -17.41 37.28
C HIS A 124 0.26 -18.33 37.59
N LYS A 125 0.95 -18.06 38.69
CA LYS A 125 2.09 -18.90 39.11
C LYS A 125 1.67 -20.05 40.03
N ARG A 126 2.01 -21.27 39.64
CA ARG A 126 1.67 -22.48 40.39
C ARG A 126 2.87 -23.43 40.36
N ASN A 127 3.32 -23.86 41.53
CA ASN A 127 4.47 -24.75 41.69
C ASN A 127 5.74 -24.28 40.95
N GLY A 128 6.00 -22.98 41.01
CA GLY A 128 7.17 -22.40 40.43
C GLY A 128 7.08 -22.04 38.95
N THR A 129 5.99 -22.43 38.30
CA THR A 129 5.79 -22.15 36.86
C THR A 129 4.76 -21.04 36.64
N ILE A 130 5.11 -20.02 35.84
CA ILE A 130 4.14 -18.98 35.52
C ILE A 130 3.36 -19.40 34.28
N TYR A 131 2.04 -19.53 34.42
CA TYR A 131 1.14 -19.80 33.30
C TYR A 131 0.61 -18.46 32.78
N LEU A 132 0.85 -18.16 31.52
CA LEU A 132 0.27 -16.98 30.87
C LEU A 132 -0.92 -17.46 30.09
N ASP A 133 -2.07 -16.79 30.31
CA ASP A 133 -3.35 -17.16 29.73
C ASP A 133 -3.78 -16.03 28.79
N VAL A 134 -4.06 -16.38 27.53
CA VAL A 134 -4.50 -15.42 26.56
C VAL A 134 -5.85 -14.83 27.01
N HIS A 135 -5.96 -13.52 26.91
CA HIS A 135 -7.19 -12.77 27.09
C HIS A 135 -7.49 -12.02 25.80
N LYS A 136 -8.73 -12.11 25.34
CA LYS A 136 -9.21 -11.30 24.23
C LYS A 136 -9.89 -10.07 24.81
N LEU A 137 -9.47 -8.89 24.37
CA LEU A 137 -10.07 -7.65 24.80
C LEU A 137 -11.45 -7.50 24.18
N PRO A 138 -12.32 -6.67 24.78
CA PRO A 138 -13.66 -6.48 24.21
C PRO A 138 -13.56 -5.87 22.82
N GLU A 139 -14.31 -6.41 21.86
CA GLU A 139 -14.30 -5.87 20.52
C GLU A 139 -15.72 -5.92 19.95
N ARG A 140 -16.01 -4.98 19.06
CA ARG A 140 -17.28 -4.96 18.33
C ARG A 140 -17.48 -6.31 17.65
N PRO A 141 -18.72 -6.81 17.62
CA PRO A 141 -18.92 -8.03 16.83
C PRO A 141 -18.53 -7.89 15.35
N GLN A 142 -17.98 -8.96 14.77
CA GLN A 142 -17.49 -8.98 13.38
C GLN A 142 -18.65 -8.92 12.42
N SER A 143 -18.54 -8.09 11.41
CA SER A 143 -19.50 -8.12 10.32
C SER A 143 -19.17 -9.28 9.36
N ASP A 144 -20.11 -9.58 8.48
CA ASP A 144 -19.91 -10.56 7.45
C ASP A 144 -18.73 -10.16 6.55
N LEU A 145 -18.58 -8.86 6.31
CA LEU A 145 -17.45 -8.40 5.49
C LEU A 145 -16.13 -8.69 6.22
N ASP A 146 -16.06 -8.44 7.52
CA ASP A 146 -14.86 -8.78 8.30
C ASP A 146 -14.58 -10.29 8.25
N ARG A 147 -15.65 -11.09 8.38
CA ARG A 147 -15.57 -12.56 8.34
C ARG A 147 -15.08 -13.00 6.96
N ARG A 148 -15.57 -12.38 5.91
CA ARG A 148 -15.17 -12.69 4.54
C ARG A 148 -13.68 -12.38 4.38
N ARG A 149 -13.24 -11.22 4.87
CA ARG A 149 -11.82 -10.89 4.85
C ARG A 149 -10.94 -11.92 5.58
N CYS A 150 -11.38 -12.38 6.76
CA CYS A 150 -10.64 -13.44 7.48
C CYS A 150 -10.65 -14.74 6.69
N TYR A 151 -11.78 -15.03 6.04
CA TYR A 151 -11.92 -16.26 5.27
C TYR A 151 -10.90 -16.29 4.12
N TRP A 152 -10.58 -15.12 3.55
CA TRP A 152 -9.62 -15.12 2.46
C TRP A 152 -8.29 -15.76 2.91
N GLY A 153 -7.89 -15.50 4.16
CA GLY A 153 -6.70 -16.12 4.72
C GLY A 153 -6.81 -17.62 4.88
N TYR A 154 -7.95 -18.11 5.37
CA TYR A 154 -8.17 -19.55 5.42
C TYR A 154 -8.19 -20.20 4.06
N CYS A 155 -8.81 -19.54 3.09
CA CYS A 155 -8.85 -20.02 1.74
C CYS A 155 -7.45 -20.11 1.15
N PHE A 156 -6.62 -19.10 1.42
CA PHE A 156 -5.23 -19.15 0.93
C PHE A 156 -4.49 -20.34 1.52
N GLU A 157 -4.67 -20.57 2.81
CA GLU A 157 -3.97 -21.73 3.46
C GLU A 157 -4.40 -23.03 2.81
N SER A 158 -5.66 -23.18 2.47
CA SER A 158 -6.12 -24.41 1.80
C SER A 158 -5.53 -24.51 0.38
N LEU A 159 -5.43 -23.37 -0.30
CA LEU A 159 -4.86 -23.38 -1.64
C LEU A 159 -3.36 -23.71 -1.58
N ALA A 160 -2.70 -23.31 -0.50
CA ALA A 160 -1.25 -23.46 -0.35
C ALA A 160 -0.82 -24.77 0.25
N THR A 161 -1.76 -25.68 0.43
CA THR A 161 -1.51 -26.98 1.05
C THR A 161 -2.11 -28.11 0.21
N GLU A 162 -1.57 -29.30 0.39
CA GLU A 162 -1.93 -30.46 -0.42
C GLU A 162 -3.16 -31.06 0.19
N ASP A 163 -4.11 -31.44 -0.65
CA ASP A 163 -5.25 -32.22 -0.19
C ASP A 163 -5.45 -33.38 -1.14
N PRO A 164 -5.18 -34.60 -0.64
CA PRO A 164 -5.26 -35.77 -1.52
C PRO A 164 -6.68 -36.06 -1.99
N GLY A 165 -7.65 -35.66 -1.18
CA GLY A 165 -9.07 -35.87 -1.51
C GLY A 165 -9.69 -34.81 -2.41
N ARG A 166 -8.90 -33.82 -2.83
CA ARG A 166 -9.40 -32.72 -3.66
C ARG A 166 -9.21 -33.13 -5.11
N ALA A 167 -10.32 -33.30 -5.83
CA ALA A 167 -10.32 -33.76 -7.22
C ALA A 167 -9.80 -32.70 -8.18
N TYR A 168 -9.47 -33.12 -9.41
CA TYR A 168 -8.93 -32.19 -10.40
C TYR A 168 -9.92 -31.05 -10.68
N GLY A 169 -9.46 -29.81 -10.58
CA GLY A 169 -10.29 -28.63 -10.86
C GLY A 169 -11.36 -28.36 -9.82
N GLU A 170 -11.29 -29.07 -8.69
CA GLU A 170 -12.26 -28.91 -7.61
C GLU A 170 -11.90 -27.64 -6.87
N GLU A 171 -12.92 -26.84 -6.58
CA GLU A 171 -12.72 -25.62 -5.80
C GLU A 171 -12.59 -25.92 -4.32
N ILE A 172 -12.04 -24.97 -3.59
CA ILE A 172 -12.01 -25.04 -2.15
C ILE A 172 -13.44 -24.90 -1.61
N HIS A 173 -13.81 -25.74 -0.66
CA HIS A 173 -15.10 -25.67 0.01
C HIS A 173 -15.04 -26.42 1.33
N HIS A 174 -16.02 -26.16 2.20
CA HIS A 174 -16.13 -26.71 3.57
C HIS A 174 -14.86 -26.56 4.39
N VAL A 175 -14.21 -25.41 4.25
CA VAL A 175 -13.06 -25.10 5.09
C VAL A 175 -13.57 -24.96 6.51
N ASP A 176 -12.90 -25.57 7.47
CA ASP A 176 -13.35 -25.51 8.85
C ASP A 176 -12.25 -24.91 9.70
N ALA A 177 -12.46 -23.70 10.19
CA ALA A 177 -11.43 -23.00 10.97
C ALA A 177 -11.20 -23.58 12.36
N ASN A 178 -12.02 -24.53 12.76
CA ASN A 178 -11.84 -25.22 14.04
C ASN A 178 -10.83 -26.37 14.02
N VAL A 179 -10.43 -26.81 12.83
CA VAL A 179 -9.45 -27.87 12.70
C VAL A 179 -8.08 -27.18 12.72
N GLU A 180 -7.19 -27.62 13.61
CA GLU A 180 -5.92 -26.96 13.77
C GLU A 180 -4.89 -27.95 14.23
N PHE A 181 -3.64 -27.59 14.04
CA PHE A 181 -2.51 -28.37 14.51
C PHE A 181 -1.62 -27.46 15.36
N CYS A 182 -1.17 -27.97 16.49
CA CYS A 182 -0.34 -27.26 17.44
C CYS A 182 0.95 -28.05 17.74
N SER A 183 2.07 -27.34 17.68
CA SER A 183 3.37 -27.83 18.07
C SER A 183 3.64 -27.32 19.48
N VAL A 184 4.13 -28.20 20.35
CA VAL A 184 4.45 -27.85 21.72
C VAL A 184 5.97 -27.76 21.81
N VAL A 185 6.46 -26.55 21.97
CA VAL A 185 7.84 -26.20 21.71
C VAL A 185 8.54 -25.71 22.99
N ARG A 186 9.77 -26.18 23.16
CA ARG A 186 10.67 -25.79 24.23
C ARG A 186 11.67 -24.76 23.76
N THR A 187 11.87 -23.72 24.55
CA THR A 187 12.95 -22.76 24.31
C THR A 187 13.37 -22.18 25.63
N LYS A 188 14.24 -21.18 25.56
CA LYS A 188 14.75 -20.51 26.73
C LYS A 188 15.20 -19.13 26.25
N LEU A 189 14.65 -18.09 26.88
CA LEU A 189 15.04 -16.71 26.60
C LEU A 189 15.77 -16.15 27.79
N GLY A 190 17.01 -15.77 27.58
CA GLY A 190 17.87 -15.41 28.72
C GLY A 190 17.93 -16.55 29.72
N ALA A 191 17.64 -16.26 30.99
CA ALA A 191 17.69 -17.26 32.04
C ALA A 191 16.41 -18.09 32.18
N HIS A 192 15.37 -17.80 31.38
CA HIS A 192 14.05 -18.32 31.62
C HIS A 192 13.63 -19.37 30.57
N ARG A 193 13.40 -20.60 31.06
CA ARG A 193 12.93 -21.71 30.22
C ARG A 193 11.42 -21.57 29.96
N VAL A 194 11.01 -21.84 28.71
CA VAL A 194 9.66 -21.63 28.24
C VAL A 194 9.12 -22.85 27.49
N MET A 195 7.90 -23.26 27.81
CA MET A 195 7.15 -24.20 26.99
C MET A 195 5.99 -23.43 26.36
N MET A 196 5.76 -23.60 25.05
CA MET A 196 4.72 -22.86 24.37
C MET A 196 3.91 -23.76 23.44
N GLY A 197 2.67 -23.41 23.22
CA GLY A 197 1.93 -23.99 22.13
C GLY A 197 1.92 -23.03 20.97
N ALA A 198 2.34 -23.54 19.81
CA ALA A 198 2.44 -22.76 18.57
C ALA A 198 1.58 -23.40 17.50
N GLU A 199 0.58 -22.69 17.04
CA GLU A 199 -0.25 -23.23 15.97
C GLU A 199 0.50 -23.16 14.63
N MET A 200 0.68 -24.30 13.96
CA MET A 200 1.47 -24.36 12.74
C MET A 200 0.57 -24.58 11.56
N ASP A 201 0.83 -23.85 10.46
CA ASP A 201 -0.04 -23.90 9.28
C ASP A 201 0.14 -25.10 8.37
N CYS A 202 1.38 -25.53 8.22
CA CYS A 202 1.75 -26.63 7.39
C CYS A 202 3.25 -26.92 7.57
N CYS A 203 3.69 -27.98 6.92
CA CYS A 203 5.10 -28.31 6.86
C CYS A 203 5.57 -28.67 5.48
N ASP A 204 6.88 -28.67 5.33
CA ASP A 204 7.50 -29.27 4.16
C ASP A 204 8.69 -30.12 4.66
N VAL A 205 9.28 -30.88 3.76
CA VAL A 205 10.41 -31.76 4.12
C VAL A 205 11.60 -31.47 3.21
N SER A 206 12.78 -31.33 3.80
CA SER A 206 14.00 -30.99 3.05
C SER A 206 14.48 -32.16 2.21
N ASP A 207 15.37 -31.86 1.26
CA ASP A 207 16.04 -32.91 0.45
C ASP A 207 16.75 -33.95 1.33
N LYS A 208 17.32 -33.48 2.45
CA LYS A 208 17.95 -34.32 3.45
C LYS A 208 16.95 -34.93 4.46
N GLY A 209 15.65 -34.92 4.14
CA GLY A 209 14.64 -35.60 4.96
C GLY A 209 14.13 -34.88 6.21
N LYS A 210 14.61 -33.67 6.45
CA LYS A 210 14.22 -32.91 7.65
C LYS A 210 12.82 -32.25 7.47
N ARG A 211 11.93 -32.43 8.44
CA ARG A 211 10.64 -31.78 8.40
C ARG A 211 10.79 -30.38 9.01
N PHE A 212 10.13 -29.38 8.45
CA PHE A 212 10.12 -28.04 9.06
C PHE A 212 8.77 -27.39 8.78
N TYR A 213 8.43 -26.45 9.64
CA TYR A 213 7.15 -25.77 9.52
C TYR A 213 7.29 -24.57 8.58
N VAL A 214 6.15 -24.25 7.96
CA VAL A 214 6.01 -23.10 7.09
C VAL A 214 4.80 -22.34 7.59
N GLU A 215 4.96 -21.04 7.82
CA GLU A 215 3.84 -20.20 8.15
C GLU A 215 3.18 -19.63 6.88
N LEU A 216 1.86 -19.48 6.87
CA LEU A 216 1.13 -19.03 5.68
C LEU A 216 0.34 -17.80 6.08
N LYS A 217 0.60 -16.68 5.44
CA LYS A 217 -0.05 -15.42 5.76
C LYS A 217 -0.75 -14.85 4.53
N THR A 218 -1.81 -14.07 4.76
CA THR A 218 -2.51 -13.38 3.69
C THR A 218 -2.65 -11.92 4.10
N THR A 219 -2.40 -11.00 3.18
CA THR A 219 -2.53 -9.58 3.50
C THR A 219 -2.89 -8.80 2.25
N ARG A 220 -3.38 -7.59 2.43
CA ARG A 220 -3.69 -6.74 1.29
C ARG A 220 -2.43 -6.35 0.56
N GLU A 221 -2.51 -6.43 -0.77
CA GLU A 221 -1.41 -5.94 -1.59
C GLU A 221 -1.09 -4.48 -1.27
N LEU A 222 0.17 -4.17 -1.40
CA LEU A 222 0.72 -2.94 -0.86
C LEU A 222 0.52 -1.73 -1.77
N ASP A 223 0.44 -0.57 -1.14
CA ASP A 223 0.47 0.69 -1.89
C ASP A 223 1.26 1.73 -1.14
N ASP A 224 1.37 2.95 -1.69
CA ASP A 224 2.20 3.95 -1.02
C ASP A 224 1.74 4.30 0.36
N ARG A 225 0.47 4.13 0.64
CA ARG A 225 -0.04 4.50 1.95
C ARG A 225 0.04 3.38 3.00
N THR A 226 0.33 2.14 2.56
CA THR A 226 0.33 0.97 3.46
C THR A 226 1.66 0.27 3.58
N VAL A 227 2.61 0.63 2.72
CA VAL A 227 3.86 -0.09 2.68
C VAL A 227 4.67 0.10 3.96
N ASP A 228 4.65 1.31 4.51
CA ASP A 228 5.43 1.57 5.71
C ASP A 228 4.98 0.65 6.84
N ARG A 229 3.67 0.57 7.08
CA ARG A 229 3.15 -0.25 8.16
C ARG A 229 3.49 -1.72 7.88
N PHE A 230 3.48 -2.13 6.61
CA PHE A 230 3.82 -3.52 6.28
C PHE A 230 5.28 -3.81 6.66
N GLU A 231 6.20 -2.93 6.25
CA GLU A 231 7.65 -3.15 6.54
C GLU A 231 7.95 -3.06 8.04
N ARG A 232 7.38 -2.06 8.70
CA ARG A 232 7.69 -1.74 10.08
C ARG A 232 6.89 -2.50 11.12
N GLU A 233 5.67 -2.91 10.80
CA GLU A 233 4.73 -3.48 11.78
C GLU A 233 4.37 -4.91 11.43
N LYS A 234 3.78 -5.13 10.25
CA LYS A 234 3.34 -6.47 9.87
C LYS A 234 4.48 -7.47 9.81
N LEU A 235 5.54 -7.11 9.08
CA LEU A 235 6.68 -8.00 8.98
C LEU A 235 7.38 -8.25 10.31
N LEU A 236 7.32 -7.28 11.22
CA LEU A 236 7.85 -7.47 12.55
C LEU A 236 7.02 -8.52 13.29
N LYS A 237 5.71 -8.40 13.22
CA LYS A 237 4.84 -9.42 13.84
C LYS A 237 5.05 -10.78 13.24
N PHE A 238 5.24 -10.83 11.92
CA PHE A 238 5.44 -12.15 11.29
C PHE A 238 6.75 -12.77 11.76
N TRP A 239 7.81 -11.96 11.80
CA TRP A 239 9.14 -12.40 12.23
C TRP A 239 9.05 -12.90 13.69
N ILE A 240 8.42 -12.10 14.56
CA ILE A 240 8.35 -12.47 15.99
C ILE A 240 7.73 -13.85 16.14
N GLN A 241 6.56 -14.04 15.53
CA GLN A 241 5.83 -15.27 15.65
C GLN A 241 6.61 -16.49 15.17
N SER A 242 7.18 -16.38 13.97
CA SER A 242 8.00 -17.49 13.45
C SER A 242 9.32 -17.73 14.17
N PHE A 243 10.01 -16.65 14.52
CA PHE A 243 11.28 -16.75 15.20
C PHE A 243 11.15 -17.44 16.55
N VAL A 244 10.11 -17.12 17.32
CA VAL A 244 10.07 -17.64 18.69
C VAL A 244 9.80 -19.14 18.76
N ALA A 245 9.21 -19.66 17.69
CA ALA A 245 8.93 -21.08 17.57
C ALA A 245 9.85 -21.82 16.60
N GLY A 246 10.89 -21.15 16.10
CA GLY A 246 11.87 -21.80 15.22
C GLY A 246 11.36 -22.14 13.82
N VAL A 247 10.37 -21.41 13.33
CA VAL A 247 9.81 -21.61 12.02
C VAL A 247 10.65 -20.87 10.97
N PRO A 248 11.21 -21.59 9.99
CA PRO A 248 12.17 -20.93 9.11
C PRO A 248 11.63 -20.22 7.88
N TYR A 249 10.41 -20.51 7.49
CA TYR A 249 9.85 -19.95 6.26
C TYR A 249 8.46 -19.38 6.50
N ILE A 250 8.22 -18.28 5.83
CA ILE A 250 6.91 -17.67 5.81
C ILE A 250 6.50 -17.41 4.37
N VAL A 251 5.33 -17.88 3.99
CA VAL A 251 4.83 -17.64 2.64
C VAL A 251 3.67 -16.67 2.77
N VAL A 252 3.75 -15.57 2.04
CA VAL A 252 2.72 -14.54 2.13
C VAL A 252 1.96 -14.41 0.82
N GLY A 253 0.63 -14.43 0.90
CA GLY A 253 -0.28 -14.18 -0.19
C GLY A 253 -0.78 -12.76 -0.12
N PHE A 254 -0.64 -12.04 -1.22
CA PHE A 254 -1.13 -10.65 -1.31
C PHE A 254 -2.40 -10.63 -2.13
N ARG A 255 -3.44 -10.07 -1.55
CA ARG A 255 -4.72 -10.02 -2.22
C ARG A 255 -5.20 -8.57 -2.48
N ASP A 256 -6.09 -8.45 -3.46
CA ASP A 256 -6.70 -7.15 -3.76
C ASP A 256 -7.96 -6.92 -2.92
N ASP A 257 -8.62 -5.79 -3.13
CA ASP A 257 -9.76 -5.43 -2.29
C ASP A 257 -10.99 -6.29 -2.53
N GLY A 258 -11.03 -7.01 -3.65
CA GLY A 258 -12.08 -7.98 -3.96
C GLY A 258 -11.82 -9.39 -3.46
N GLY A 259 -10.61 -9.66 -2.99
CA GLY A 259 -10.23 -10.98 -2.51
C GLY A 259 -9.52 -11.89 -3.51
N ARG A 260 -9.05 -11.33 -4.61
CA ARG A 260 -8.28 -12.08 -5.60
C ARG A 260 -6.82 -12.12 -5.17
N LEU A 261 -6.21 -13.26 -5.26
CA LEU A 261 -4.78 -13.39 -4.98
C LEU A 261 -3.97 -12.82 -6.14
N VAL A 262 -3.17 -11.80 -5.86
CA VAL A 262 -2.44 -11.14 -6.93
C VAL A 262 -0.92 -11.40 -6.96
N ARG A 263 -0.34 -11.80 -5.82
CA ARG A 263 1.09 -11.96 -5.71
C ARG A 263 1.39 -12.88 -4.52
N THR A 264 2.50 -13.64 -4.59
CA THR A 264 2.99 -14.38 -3.43
C THR A 264 4.47 -14.08 -3.20
N GLU A 265 4.90 -14.24 -1.95
CA GLU A 265 6.31 -14.13 -1.57
C GLU A 265 6.65 -15.34 -0.73
N ARG A 266 7.79 -15.93 -0.98
CA ARG A 266 8.28 -17.03 -0.19
C ARG A 266 9.46 -16.45 0.58
N LEU A 267 9.25 -16.13 1.86
CA LEU A 267 10.27 -15.47 2.70
C LEU A 267 10.97 -16.41 3.66
N THR A 268 12.19 -16.06 4.02
CA THR A 268 12.93 -16.75 5.01
C THR A 268 12.87 -15.92 6.28
N THR A 269 12.51 -16.50 7.42
CA THR A 269 12.45 -15.78 8.67
C THR A 269 13.72 -14.95 8.95
N ARG A 270 14.88 -15.59 8.81
CA ARG A 270 16.16 -14.91 9.03
C ARG A 270 16.32 -13.70 8.11
N ASP A 271 15.95 -13.85 6.85
CA ASP A 271 16.06 -12.79 5.87
C ASP A 271 15.15 -11.57 6.19
N ILE A 272 13.96 -11.82 6.76
CA ILE A 272 13.07 -10.72 7.13
C ILE A 272 13.76 -9.82 8.16
N ALA A 273 14.37 -10.45 9.17
CA ALA A 273 15.01 -9.66 10.24
C ALA A 273 16.28 -8.95 9.72
N HIS A 274 16.95 -9.61 8.78
CA HIS A 274 18.18 -9.07 8.14
C HIS A 274 17.89 -7.80 7.37
N ARG A 275 16.90 -7.87 6.50
CA ARG A 275 16.45 -6.71 5.74
C ARG A 275 16.01 -5.57 6.64
N ALA A 276 15.16 -5.87 7.63
CA ALA A 276 14.73 -4.86 8.55
C ALA A 276 15.90 -4.18 9.27
N ARG A 277 16.91 -4.94 9.68
CA ARG A 277 18.02 -4.34 10.41
C ARG A 277 18.82 -3.44 9.49
N LEU A 278 19.17 -3.93 8.32
CA LEU A 278 19.84 -3.09 7.30
C LEU A 278 19.13 -1.78 7.02
N LYS A 279 17.80 -1.84 6.81
CA LYS A 279 16.99 -0.65 6.52
C LYS A 279 16.72 0.18 7.76
N ASN A 280 17.12 -0.31 8.93
CA ASN A 280 16.84 0.34 10.20
C ASN A 280 15.34 0.52 10.40
N TYR A 281 14.56 -0.50 10.00
CA TYR A 281 13.14 -0.51 10.31
C TYR A 281 12.91 -1.03 11.72
N TRP A 282 13.69 -2.03 12.09
CA TRP A 282 13.59 -2.62 13.41
C TRP A 282 14.70 -3.66 13.57
N GLN A 283 14.96 -4.05 14.80
CA GLN A 283 16.00 -5.05 15.05
C GLN A 283 15.47 -6.16 15.91
N GLY A 284 15.61 -7.39 15.44
CA GLY A 284 15.11 -8.55 16.22
C GLY A 284 15.70 -8.61 17.60
N GLY A 285 16.98 -8.26 17.72
CA GLY A 285 17.66 -8.31 19.01
C GLY A 285 17.08 -7.40 20.07
N VAL A 286 16.52 -6.27 19.64
CA VAL A 286 15.83 -5.35 20.52
C VAL A 286 14.61 -6.03 21.14
N CYS A 287 13.85 -6.76 20.33
CA CYS A 287 12.70 -7.47 20.84
C CYS A 287 13.06 -8.54 21.87
N LEU A 288 14.11 -9.31 21.59
CA LEU A 288 14.55 -10.36 22.48
C LEU A 288 15.06 -9.74 23.79
N ALA A 289 15.87 -8.68 23.69
CA ALA A 289 16.41 -8.02 24.92
C ALA A 289 15.29 -7.43 25.75
N PHE A 290 14.31 -6.80 25.08
CA PHE A 290 13.15 -6.30 25.79
C PHE A 290 12.39 -7.43 26.47
N ALA A 291 12.12 -8.49 25.73
CA ALA A 291 11.34 -9.60 26.29
C ALA A 291 12.02 -10.21 27.55
N ASP A 292 13.35 -10.24 27.50
CA ASP A 292 14.16 -10.78 28.57
C ASP A 292 13.95 -9.92 29.83
N GLU A 293 13.94 -8.60 29.68
CA GLU A 293 13.59 -7.68 30.80
C GLU A 293 12.19 -7.96 31.37
N VAL A 294 11.24 -8.19 30.49
CA VAL A 294 9.86 -8.47 30.89
C VAL A 294 9.79 -9.77 31.71
N LEU A 295 10.40 -10.82 31.20
CA LEU A 295 10.34 -12.11 31.87
C LEU A 295 11.06 -12.10 33.23
N CYS A 296 12.21 -11.43 33.26
CA CYS A 296 12.96 -11.22 34.51
C CYS A 296 12.11 -10.51 35.55
N TRP A 297 11.51 -9.40 35.12
CA TRP A 297 10.61 -8.62 35.99
C TRP A 297 9.45 -9.47 36.47
N LEU A 298 8.79 -10.21 35.57
CA LEU A 298 7.69 -11.08 35.99
C LEU A 298 8.11 -12.16 36.96
N TYR A 299 9.20 -12.86 36.65
CA TYR A 299 9.62 -13.95 37.51
C TYR A 299 10.10 -13.41 38.86
N GLY A 300 10.62 -12.21 38.86
CA GLY A 300 11.02 -11.52 40.11
C GLY A 300 9.86 -11.03 40.97
N THR A 301 8.69 -10.79 40.36
CA THR A 301 7.60 -10.04 41.02
C THR A 301 6.35 -10.88 41.30
N VAL A 302 6.02 -11.77 40.37
CA VAL A 302 4.86 -12.62 40.48
C VAL A 302 4.96 -13.64 41.64
N LYS A 303 4.00 -13.59 42.55
CA LYS A 303 4.00 -14.51 43.69
C LYS A 303 3.35 -15.88 43.42
N GLU A 304 3.93 -16.91 44.02
CA GLU A 304 3.35 -18.24 44.04
C GLU A 304 1.91 -18.17 44.52
N ASN A 305 1.05 -18.88 43.80
CA ASN A 305 -0.38 -19.01 44.05
C ASN A 305 -1.22 -17.76 43.89
N GLU A 306 -0.66 -16.71 43.31
CA GLU A 306 -1.41 -15.49 43.06
C GLU A 306 -1.98 -15.44 41.63
N ASP A 307 -2.97 -14.57 41.43
CA ASP A 307 -3.55 -14.32 40.11
C ASP A 307 -3.44 -12.84 39.75
N TYR A 308 -2.90 -12.55 38.57
CA TYR A 308 -2.73 -11.20 38.07
C TYR A 308 -3.21 -11.06 36.65
N ILE A 309 -3.33 -9.80 36.25
CA ILE A 309 -3.50 -9.40 34.87
C ILE A 309 -2.26 -8.61 34.51
N LEU A 310 -1.67 -8.91 33.34
CA LEU A 310 -0.61 -8.12 32.80
C LEU A 310 -1.17 -7.38 31.57
N GLN A 311 -1.03 -6.06 31.53
CA GLN A 311 -1.58 -5.31 30.41
C GLN A 311 -0.63 -4.28 29.83
N PHE A 312 -0.84 -3.97 28.57
CA PHE A 312 -0.12 -2.95 27.84
C PHE A 312 -1.20 -2.14 27.15
N VAL A 313 -1.47 -0.93 27.68
CA VAL A 313 -2.52 -0.09 27.17
C VAL A 313 -2.02 1.32 26.96
N HIS A 314 -2.77 2.12 26.20
CA HIS A 314 -2.49 3.52 26.00
C HIS A 314 -2.17 4.17 27.34
N PRO A 315 -1.09 4.98 27.40
CA PRO A 315 -0.21 5.49 26.37
C PRO A 315 1.00 4.63 25.98
N PHE A 316 1.04 3.37 26.38
CA PHE A 316 2.08 2.45 25.93
C PHE A 316 3.46 2.90 26.37
N MET A 317 3.52 3.46 27.58
CA MET A 317 4.81 3.78 28.20
C MET A 317 5.20 2.83 29.35
N ARG A 318 4.31 1.91 29.73
CA ARG A 318 4.65 0.90 30.73
C ARG A 318 3.83 -0.34 30.59
N LEU A 319 4.36 -1.46 31.06
CA LEU A 319 3.55 -2.65 31.26
C LEU A 319 3.08 -2.55 32.69
N GLU A 320 1.85 -2.99 32.92
CA GLU A 320 1.21 -2.93 34.23
C GLU A 320 0.76 -4.30 34.69
N LEU A 321 1.18 -4.67 35.90
CA LEU A 321 0.74 -5.89 36.55
C LEU A 321 -0.29 -5.53 37.61
N LEU A 322 -1.50 -6.05 37.44
CA LEU A 322 -2.62 -5.78 38.31
C LEU A 322 -3.09 -7.02 39.05
N GLN A 323 -3.69 -6.81 40.21
CA GLN A 323 -4.25 -7.90 40.98
C GLN A 323 -5.50 -8.44 40.24
N ALA A 324 -5.65 -9.76 40.15
CA ALA A 324 -6.82 -10.36 39.48
C ALA A 324 -7.76 -11.03 40.48
N GLN A 325 -8.97 -11.35 40.02
CA GLN A 325 -10.03 -11.91 40.89
C GLN A 325 -10.24 -13.42 40.80
N SER A 326 -9.57 -14.11 39.87
CA SER A 326 -9.75 -15.57 39.72
C SER A 326 -8.69 -16.24 38.83
N CYS A 327 -8.77 -17.56 38.75
CA CYS A 327 -7.85 -18.37 38.00
C CYS A 327 -8.67 -19.30 37.13
N PRO A 328 -8.31 -19.42 35.84
CA PRO A 328 -9.02 -20.35 34.97
C PRO A 328 -8.99 -21.78 35.51
N ASP A 329 -10.12 -22.47 35.42
CA ASP A 329 -10.21 -23.88 35.79
C ASP A 329 -9.24 -24.74 34.98
N ALA A 330 -8.99 -24.42 33.71
CA ALA A 330 -8.04 -25.22 32.94
C ALA A 330 -6.70 -25.29 33.65
N ILE A 331 -6.28 -24.19 34.27
CA ILE A 331 -5.02 -24.14 34.99
C ILE A 331 -5.11 -24.87 36.34
N THR A 332 -6.13 -24.53 37.11
CA THR A 332 -6.34 -25.19 38.39
C THR A 332 -6.36 -26.71 38.29
N ASN A 333 -7.17 -27.22 37.35
CA ASN A 333 -7.28 -28.64 37.06
C ASN A 333 -5.97 -29.30 36.65
N HIS A 334 -5.21 -28.63 35.79
CA HIS A 334 -3.88 -29.08 35.41
C HIS A 334 -2.97 -29.26 36.63
N VAL A 335 -2.97 -28.26 37.50
CA VAL A 335 -2.08 -28.26 38.65
C VAL A 335 -2.45 -29.42 39.61
N HIS A 336 -3.74 -29.57 39.88
CA HIS A 336 -4.28 -30.71 40.64
C HIS A 336 -3.82 -32.06 40.04
N LEU A 337 -3.90 -32.19 38.72
CA LEU A 337 -3.52 -33.46 38.07
C LEU A 337 -2.01 -33.72 38.12
N LEU A 338 -1.22 -32.68 38.38
CA LEU A 338 0.21 -32.85 38.55
C LEU A 338 0.51 -33.37 39.95
N PHE B 2 -24.18 23.92 -1.68
CA PHE B 2 -24.46 22.79 -2.62
C PHE B 2 -25.26 23.25 -3.85
N VAL B 3 -25.12 22.56 -4.98
CA VAL B 3 -25.91 22.86 -6.19
C VAL B 3 -26.33 21.56 -6.90
N SER B 4 -25.34 20.74 -7.28
CA SER B 4 -25.62 19.45 -7.93
C SER B 4 -24.52 18.40 -7.59
N GLU B 5 -24.84 17.13 -7.76
CA GLU B 5 -23.89 16.06 -7.48
C GLU B 5 -23.84 15.08 -8.63
N LEU B 6 -22.71 14.38 -8.74
CA LEU B 6 -22.61 13.26 -9.64
C LEU B 6 -22.09 12.07 -8.85
N LYS B 7 -22.99 11.17 -8.46
CA LYS B 7 -22.58 10.01 -7.66
C LYS B 7 -21.79 9.01 -8.50
N LEU B 8 -20.66 8.56 -7.95
CA LEU B 8 -19.90 7.48 -8.57
C LEU B 8 -20.62 6.17 -8.29
N SER B 9 -20.69 5.31 -9.30
CA SER B 9 -21.31 3.99 -9.17
C SER B 9 -20.30 2.98 -8.60
N LYS B 10 -20.81 2.03 -7.81
CA LYS B 10 -19.98 1.01 -7.16
C LYS B 10 -19.33 0.09 -8.20
N SER B 11 -20.11 -0.25 -9.24
CA SER B 11 -19.66 -1.14 -10.30
C SER B 11 -19.29 -0.36 -11.59
N LYS B 12 -18.28 -0.86 -12.30
CA LYS B 12 -17.79 -0.21 -13.54
C LYS B 12 -18.33 -0.90 -14.81
N GLU B 13 -19.30 -1.80 -14.63
CA GLU B 13 -19.73 -2.70 -15.71
C GLU B 13 -20.42 -1.97 -16.84
N THR B 14 -21.28 -1.02 -16.48
CA THR B 14 -21.99 -0.23 -17.48
C THR B 14 -20.99 0.65 -18.23
N LEU B 15 -20.09 1.29 -17.49
CA LEU B 15 -19.07 2.15 -18.10
C LEU B 15 -18.17 1.36 -19.07
N ALA B 16 -17.86 0.10 -18.70
CA ALA B 16 -16.93 -0.73 -19.46
C ALA B 16 -17.54 -1.26 -20.75
N ARG B 17 -18.86 -1.13 -20.91
CA ARG B 17 -19.57 -1.48 -22.15
C ARG B 17 -19.89 -0.27 -23.06
N LYS B 18 -19.57 0.95 -22.61
CA LYS B 18 -19.96 2.20 -23.31
C LYS B 18 -18.98 2.63 -24.43
N GLN B 19 -19.49 2.99 -25.62
CA GLN B 19 -18.65 3.53 -26.69
C GLN B 19 -18.60 5.02 -26.54
N THR B 20 -17.38 5.55 -26.47
CA THR B 20 -17.17 6.98 -26.27
C THR B 20 -16.24 7.43 -27.36
N ASN B 21 -16.71 8.32 -28.21
CA ASN B 21 -15.85 8.91 -29.22
C ASN B 21 -14.82 9.80 -28.49
N PHE B 22 -13.55 9.67 -28.88
CA PHE B 22 -12.51 10.59 -28.43
C PHE B 22 -11.71 10.90 -29.66
N GLN B 23 -11.84 12.14 -30.10
CA GLN B 23 -11.19 12.61 -31.30
C GLN B 23 -9.69 12.72 -31.13
N GLU B 24 -8.89 12.23 -32.09
CA GLU B 24 -7.43 12.34 -31.97
C GLU B 24 -7.09 13.83 -31.85
N PRO B 25 -6.49 14.25 -30.71
CA PRO B 25 -6.25 15.67 -30.47
C PRO B 25 -5.40 16.32 -31.55
N CYS B 26 -5.66 17.60 -31.81
CA CYS B 26 -4.96 18.34 -32.86
C CYS B 26 -4.37 19.59 -32.24
N GLU B 27 -3.11 19.89 -32.49
CA GLU B 27 -2.53 21.12 -31.95
C GLU B 27 -2.90 22.29 -32.87
N LEU B 28 -3.41 23.34 -32.25
CA LEU B 28 -3.79 24.58 -32.91
C LEU B 28 -2.82 25.75 -32.73
N THR B 29 -2.16 25.83 -31.58
CA THR B 29 -1.14 26.85 -31.31
C THR B 29 -0.29 26.36 -30.11
N CYS B 30 0.58 27.22 -29.62
CA CYS B 30 1.48 26.83 -28.54
C CYS B 30 2.10 28.10 -28.00
N TYR B 31 2.64 28.03 -26.81
CA TYR B 31 3.37 29.15 -26.26
C TYR B 31 4.51 28.70 -25.38
N SER B 32 5.52 29.55 -25.25
CA SER B 32 6.69 29.29 -24.40
C SER B 32 6.81 30.36 -23.33
N ARG B 33 7.11 29.91 -22.12
CA ARG B 33 7.41 30.75 -20.97
C ARG B 33 8.91 30.63 -20.79
N VAL B 34 9.62 31.68 -21.14
CA VAL B 34 11.09 31.61 -21.20
C VAL B 34 11.67 32.12 -19.89
N GLU B 35 12.99 32.01 -19.75
CA GLU B 35 13.67 32.48 -18.55
C GLU B 35 13.43 33.97 -18.35
N GLY B 36 13.14 34.34 -17.10
CA GLY B 36 12.74 35.71 -16.80
C GLY B 36 11.24 35.85 -16.70
N GLY B 37 10.49 34.95 -17.36
CA GLY B 37 9.05 34.89 -17.16
C GLY B 37 8.23 35.38 -18.34
N GLU B 38 8.87 35.95 -19.36
CA GLU B 38 8.15 36.38 -20.56
C GLU B 38 7.49 35.19 -21.28
N VAL B 39 6.23 35.36 -21.66
CA VAL B 39 5.54 34.38 -22.51
C VAL B 39 5.54 34.84 -23.96
N ILE B 40 5.96 33.94 -24.84
CA ILE B 40 5.94 34.17 -26.28
C ILE B 40 5.10 33.11 -26.97
N TYR B 41 4.24 33.53 -27.89
CA TYR B 41 3.34 32.59 -28.56
C TYR B 41 3.99 31.84 -29.71
N ASP B 42 5.03 31.07 -29.39
CA ASP B 42 5.61 30.19 -30.39
C ASP B 42 6.40 29.10 -29.65
N ASP B 43 7.09 28.30 -30.42
CA ASP B 43 7.73 27.05 -29.92
C ASP B 43 9.21 27.21 -29.53
N GLN B 44 9.61 28.46 -29.27
CA GLN B 44 10.98 28.81 -28.86
C GLN B 44 11.54 27.94 -27.73
N GLY B 45 10.68 27.62 -26.77
CA GLY B 45 11.04 26.92 -25.55
C GLY B 45 10.88 25.39 -25.65
N LEU B 46 10.46 24.88 -26.80
CA LEU B 46 10.27 23.44 -26.99
C LEU B 46 11.61 22.71 -27.01
N ARG B 47 11.72 21.70 -26.13
CA ARG B 47 12.95 20.94 -25.98
C ARG B 47 12.91 19.70 -26.86
N LEU B 48 14.07 19.12 -27.11
CA LEU B 48 14.20 17.97 -27.97
C LEU B 48 14.63 16.78 -27.12
N PHE B 49 14.04 15.64 -27.39
CA PHE B 49 14.38 14.39 -26.70
C PHE B 49 15.80 13.95 -26.97
N LYS B 50 16.51 13.60 -25.89
CA LYS B 50 17.83 12.97 -26.00
C LYS B 50 17.70 11.47 -26.28
N ARG B 51 17.90 11.07 -27.54
CA ARG B 51 17.61 9.71 -27.97
C ARG B 51 18.49 8.68 -27.25
N HIS B 52 19.67 9.13 -26.82
CA HIS B 52 20.61 8.30 -26.08
C HIS B 52 20.53 8.42 -24.54
N ILE B 53 19.37 8.80 -24.00
CA ILE B 53 19.15 8.87 -22.55
C ILE B 53 19.53 7.55 -21.87
N GLY B 54 19.27 6.44 -22.56
CA GLY B 54 19.63 5.10 -22.08
C GLY B 54 21.09 4.91 -21.70
N GLU B 55 21.99 5.68 -22.29
CA GLU B 55 23.43 5.59 -22.01
C GLU B 55 23.87 6.36 -20.74
N GLU B 56 22.93 7.13 -20.16
CA GLU B 56 23.15 7.96 -18.97
C GLU B 56 22.89 7.22 -17.65
N ILE B 57 22.54 5.96 -17.71
CA ILE B 57 22.38 5.15 -16.51
C ILE B 57 23.56 5.34 -15.53
N GLY B 58 23.25 5.49 -14.26
CA GLY B 58 24.22 5.90 -13.25
C GLY B 58 24.23 7.39 -12.94
N ALA B 59 23.53 8.20 -13.72
CA ALA B 59 23.49 9.65 -13.48
C ALA B 59 22.93 9.93 -12.10
N ASP B 60 23.50 10.93 -11.42
CA ASP B 60 23.01 11.35 -10.12
C ASP B 60 22.02 12.52 -10.34
N LEU B 61 20.74 12.25 -10.07
CA LEU B 61 19.69 13.24 -10.32
C LEU B 61 19.70 14.31 -9.20
N ASN B 62 20.56 14.17 -8.20
CA ASN B 62 20.81 15.29 -7.25
C ASN B 62 21.67 16.37 -7.89
N GLN B 63 22.36 16.04 -8.99
CA GLN B 63 23.20 17.04 -9.68
C GLN B 63 22.42 18.33 -9.93
N GLY B 64 22.94 19.46 -9.43
CA GLY B 64 22.33 20.78 -9.60
C GLY B 64 21.28 21.21 -8.58
N TYR B 65 20.99 20.36 -7.61
CA TYR B 65 19.92 20.63 -6.65
C TYR B 65 20.03 21.99 -5.96
N ASP B 66 21.25 22.35 -5.59
CA ASP B 66 21.45 23.64 -4.88
C ASP B 66 21.26 24.89 -5.75
N THR B 67 21.20 24.75 -7.07
CA THR B 67 20.94 25.87 -7.96
C THR B 67 19.54 25.81 -8.61
N PHE B 68 18.68 24.91 -8.13
CA PHE B 68 17.34 24.71 -8.68
C PHE B 68 16.46 25.92 -8.33
N ILE B 69 15.74 26.40 -9.33
CA ILE B 69 14.72 27.43 -9.14
C ILE B 69 13.35 26.76 -9.20
N GLU B 70 12.73 26.67 -8.03
CA GLU B 70 11.42 26.05 -7.82
C GLU B 70 10.35 26.68 -8.65
N LYS B 71 9.31 25.92 -8.93
CA LYS B 71 8.16 26.45 -9.67
C LYS B 71 7.33 27.43 -8.81
N LYS B 72 7.11 28.62 -9.34
CA LYS B 72 6.26 29.66 -8.75
C LYS B 72 4.84 29.51 -9.28
N ASP B 73 3.86 29.33 -8.39
CA ASP B 73 2.46 29.27 -8.78
C ASP B 73 2.04 30.60 -9.46
N LEU B 74 1.41 30.50 -10.63
CA LEU B 74 0.92 31.66 -11.36
C LEU B 74 -0.60 31.87 -11.25
N GLY B 75 -1.28 30.93 -10.61
CA GLY B 75 -2.73 30.95 -10.54
C GLY B 75 -3.45 31.25 -11.85
N SER B 76 -4.53 32.02 -11.75
CA SER B 76 -5.41 32.27 -12.87
C SER B 76 -4.73 33.11 -13.95
N GLU B 77 -3.75 33.89 -13.56
CA GLU B 77 -2.96 34.63 -14.53
C GLU B 77 -2.25 33.69 -15.53
N GLY B 78 -1.88 32.49 -15.07
CA GLY B 78 -1.34 31.49 -15.98
C GLY B 78 -2.35 31.03 -17.01
N PHE B 79 -3.56 30.77 -16.56
CA PHE B 79 -4.66 30.48 -17.44
C PHE B 79 -4.80 31.64 -18.44
N GLY B 80 -4.57 32.84 -17.95
CA GLY B 80 -4.62 34.04 -18.80
C GLY B 80 -3.68 33.99 -20.00
N ASP B 81 -2.53 33.33 -19.82
CA ASP B 81 -1.61 33.13 -20.93
C ASP B 81 -2.16 32.20 -22.00
N LEU B 82 -2.77 31.09 -21.58
CA LEU B 82 -3.42 30.14 -22.48
C LEU B 82 -4.51 30.81 -23.31
N LEU B 83 -5.32 31.58 -22.62
CA LEU B 83 -6.44 32.29 -23.24
C LEU B 83 -5.91 33.31 -24.22
N GLY B 84 -4.88 34.03 -23.80
CA GLY B 84 -4.14 34.93 -24.67
C GLY B 84 -3.68 34.30 -25.97
N SER B 85 -3.08 33.09 -25.89
CA SER B 85 -2.60 32.44 -27.09
C SER B 85 -3.73 32.04 -28.00
N ILE B 86 -4.88 31.71 -27.41
CA ILE B 86 -6.05 31.33 -28.19
C ILE B 86 -6.56 32.55 -29.00
N ARG B 87 -6.67 33.68 -28.33
CA ARG B 87 -7.12 34.93 -29.01
C ARG B 87 -6.15 35.34 -30.11
N ALA B 88 -4.86 35.28 -29.81
CA ALA B 88 -3.82 35.69 -30.75
C ALA B 88 -3.76 34.88 -32.02
N LYS B 89 -4.20 33.62 -31.95
CA LYS B 89 -4.25 32.75 -33.12
C LYS B 89 -5.59 32.87 -33.82
N ASN B 90 -6.52 33.65 -33.26
CA ASN B 90 -7.86 33.78 -33.80
C ASN B 90 -8.55 32.43 -33.83
N ILE B 91 -8.36 31.64 -32.78
CA ILE B 91 -9.09 30.41 -32.65
C ILE B 91 -10.49 30.71 -32.10
N SER B 92 -11.49 30.36 -32.90
CA SER B 92 -12.86 30.58 -32.51
C SER B 92 -13.26 29.56 -31.44
N LEU B 93 -13.87 30.07 -30.38
CA LEU B 93 -14.46 29.26 -29.34
C LEU B 93 -15.99 29.16 -29.48
N ASP B 94 -16.53 29.53 -30.64
CA ASP B 94 -17.98 29.43 -30.89
C ASP B 94 -18.52 28.00 -30.80
N ASN B 95 -17.71 27.03 -31.28
CA ASN B 95 -18.07 25.60 -31.31
C ASN B 95 -17.57 24.82 -30.07
N ILE B 96 -16.95 25.50 -29.11
CA ILE B 96 -16.17 24.85 -28.04
C ILE B 96 -16.87 24.89 -26.69
N HIS B 97 -17.11 23.71 -26.11
CA HIS B 97 -17.88 23.62 -24.87
C HIS B 97 -17.02 23.78 -23.63
N PHE B 98 -15.73 23.35 -23.69
CA PHE B 98 -14.82 23.41 -22.53
C PHE B 98 -13.42 23.94 -22.90
N VAL B 99 -12.92 24.83 -22.06
CA VAL B 99 -11.56 25.41 -22.14
C VAL B 99 -10.85 25.24 -20.81
N THR B 100 -9.65 24.64 -20.86
CA THR B 100 -9.04 24.21 -19.63
C THR B 100 -7.54 23.88 -19.81
N PHE B 101 -6.78 24.01 -18.76
CA PHE B 101 -5.45 23.33 -18.68
C PHE B 101 -5.77 21.84 -18.56
N ARG B 102 -4.94 21.01 -19.20
CA ARG B 102 -5.09 19.55 -19.18
C ARG B 102 -5.21 19.02 -17.76
N ASN B 103 -4.48 19.63 -16.84
CA ASN B 103 -4.52 19.30 -15.41
C ASN B 103 -5.95 18.91 -14.93
N ASN B 104 -6.96 19.68 -15.34
CA ASN B 104 -8.33 19.41 -14.88
C ASN B 104 -8.93 18.18 -15.53
N LEU B 105 -8.64 17.97 -16.81
CA LEU B 105 -9.14 16.78 -17.48
C LEU B 105 -8.52 15.53 -16.85
N ASN B 106 -7.25 15.63 -16.45
CA ASN B 106 -6.58 14.54 -15.72
C ASN B 106 -7.35 14.18 -14.45
N LYS B 107 -7.73 15.20 -13.67
CA LYS B 107 -8.46 15.00 -12.43
C LYS B 107 -9.84 14.35 -12.68
N ILE B 108 -10.57 14.84 -13.68
CA ILE B 108 -11.87 14.23 -14.07
C ILE B 108 -11.77 12.78 -14.57
N LEU B 109 -10.86 12.50 -15.51
CA LEU B 109 -10.73 11.11 -15.98
C LEU B 109 -10.29 10.22 -14.79
N GLY B 110 -9.48 10.77 -13.92
CA GLY B 110 -8.85 10.00 -12.84
C GLY B 110 -9.84 9.64 -11.73
N ALA B 111 -10.97 10.34 -11.68
CA ALA B 111 -11.90 10.15 -10.58
C ALA B 111 -12.65 8.83 -10.71
N ALA B 112 -12.60 8.19 -11.87
CA ALA B 112 -13.23 6.88 -12.06
C ALA B 112 -12.59 5.84 -11.14
N TYR B 113 -11.31 6.04 -10.81
CA TYR B 113 -10.52 5.13 -9.96
C TYR B 113 -9.94 5.76 -8.71
N ASN B 114 -9.65 7.05 -8.73
CA ASN B 114 -9.07 7.74 -7.60
C ASN B 114 -9.99 7.74 -6.39
N ARG B 115 -9.47 7.30 -5.25
CA ARG B 115 -10.24 7.32 -4.03
C ARG B 115 -9.38 7.79 -2.87
N HIS B 116 -8.37 8.62 -3.13
CA HIS B 116 -7.47 9.10 -2.07
C HIS B 116 -6.96 10.54 -2.24
N GLU B 117 -6.95 11.07 -3.47
CA GLU B 117 -6.31 12.35 -3.74
C GLU B 117 -7.33 13.41 -4.13
N PRO B 118 -7.60 14.35 -3.23
CA PRO B 118 -8.69 15.29 -3.50
C PRO B 118 -8.32 16.37 -4.50
N TRP B 119 -9.33 16.91 -5.18
CA TRP B 119 -9.07 18.06 -6.03
C TRP B 119 -10.25 19.03 -6.07
N GLU B 120 -9.97 20.18 -6.69
CA GLU B 120 -10.89 21.30 -6.75
C GLU B 120 -10.55 22.11 -7.99
N MET B 121 -11.60 22.65 -8.60
CA MET B 121 -11.61 23.17 -9.97
C MET B 121 -12.67 24.30 -10.06
N GLY B 122 -12.30 25.48 -10.56
CA GLY B 122 -13.28 26.55 -10.83
C GLY B 122 -14.06 26.29 -12.11
N VAL B 123 -15.38 26.56 -12.10
CA VAL B 123 -16.19 26.40 -13.30
C VAL B 123 -16.88 27.72 -13.58
N HIS B 124 -16.84 28.14 -14.84
CA HIS B 124 -17.32 29.48 -15.24
C HIS B 124 -17.79 29.43 -16.69
N LYS B 125 -19.11 29.47 -16.88
CA LYS B 125 -19.68 29.47 -18.21
C LYS B 125 -19.77 30.92 -18.67
N ARG B 126 -19.27 31.18 -19.87
CA ARG B 126 -19.30 32.51 -20.47
C ARG B 126 -19.44 32.30 -21.97
N ASN B 127 -20.56 32.75 -22.53
CA ASN B 127 -20.89 32.58 -23.96
C ASN B 127 -20.99 31.13 -24.43
N GLY B 128 -21.53 30.25 -23.59
CA GLY B 128 -21.74 28.85 -23.98
C GLY B 128 -20.49 28.00 -23.78
N THR B 129 -19.39 28.65 -23.41
CA THR B 129 -18.09 27.99 -23.22
C THR B 129 -17.83 27.96 -21.73
N ILE B 130 -17.57 26.75 -21.21
CA ILE B 130 -17.26 26.55 -19.81
C ILE B 130 -15.73 26.56 -19.57
N TYR B 131 -15.27 27.50 -18.74
CA TYR B 131 -13.86 27.64 -18.39
C TYR B 131 -13.58 26.92 -17.12
N LEU B 132 -12.70 25.91 -17.16
CA LEU B 132 -12.29 25.24 -15.93
C LEU B 132 -10.95 25.80 -15.47
N ASP B 133 -10.93 26.25 -14.23
CA ASP B 133 -9.78 26.90 -13.61
C ASP B 133 -9.14 26.02 -12.56
N VAL B 134 -7.89 25.62 -12.83
CA VAL B 134 -7.10 24.89 -11.86
C VAL B 134 -7.09 25.65 -10.53
N HIS B 135 -7.41 24.95 -9.45
CA HIS B 135 -7.17 25.43 -8.09
C HIS B 135 -6.18 24.51 -7.41
N LYS B 136 -5.17 25.09 -6.78
CA LYS B 136 -4.10 24.30 -6.18
C LYS B 136 -4.31 24.26 -4.67
N LEU B 137 -4.84 23.15 -4.18
CA LEU B 137 -5.15 22.97 -2.75
C LEU B 137 -3.91 23.10 -1.88
N PRO B 138 -4.08 23.48 -0.61
CA PRO B 138 -3.00 23.39 0.38
C PRO B 138 -2.43 21.98 0.45
N GLN B 142 7.57 21.65 1.80
CA GLN B 142 7.78 20.31 2.36
C GLN B 142 9.17 20.23 2.97
N SER B 143 9.53 19.06 3.49
CA SER B 143 10.89 18.82 3.96
C SER B 143 11.89 19.04 2.82
N ASP B 144 13.13 19.36 3.16
CA ASP B 144 14.15 19.49 2.14
C ASP B 144 14.33 18.16 1.37
N LEU B 145 14.10 17.04 2.06
CA LEU B 145 14.13 15.72 1.44
C LEU B 145 13.03 15.56 0.40
N ASP B 146 11.82 16.03 0.70
CA ASP B 146 10.70 15.99 -0.24
C ASP B 146 10.98 16.88 -1.46
N ARG B 147 11.64 18.01 -1.22
CA ARG B 147 11.98 18.93 -2.28
C ARG B 147 13.06 18.31 -3.22
N ARG B 148 13.96 17.54 -2.62
CA ARG B 148 15.01 16.82 -3.35
C ARG B 148 14.38 15.77 -4.28
N ARG B 149 13.45 14.98 -3.75
CA ARG B 149 12.75 13.98 -4.57
C ARG B 149 11.94 14.59 -5.72
N CYS B 150 11.32 15.73 -5.45
CA CYS B 150 10.64 16.50 -6.49
C CYS B 150 11.68 16.97 -7.54
N TYR B 151 12.82 17.45 -7.08
CA TYR B 151 13.86 17.93 -8.00
C TYR B 151 14.34 16.82 -8.95
N TRP B 152 14.44 15.59 -8.46
CA TRP B 152 14.96 14.52 -9.29
C TRP B 152 14.20 14.38 -10.61
N GLY B 153 12.89 14.61 -10.59
CA GLY B 153 12.10 14.63 -11.83
C GLY B 153 12.47 15.72 -12.81
N TYR B 154 12.75 16.90 -12.28
CA TYR B 154 13.16 18.01 -13.08
C TYR B 154 14.56 17.76 -13.64
N CYS B 155 15.41 17.18 -12.81
CA CYS B 155 16.77 16.86 -13.23
C CYS B 155 16.73 15.82 -14.34
N PHE B 156 15.91 14.79 -14.16
CA PHE B 156 15.75 13.79 -15.25
C PHE B 156 15.26 14.44 -16.57
N GLU B 157 14.33 15.36 -16.48
CA GLU B 157 13.86 16.07 -17.68
C GLU B 157 14.95 16.79 -18.43
N SER B 158 15.83 17.44 -17.68
CA SER B 158 16.99 18.07 -18.25
C SER B 158 17.97 17.05 -18.83
N LEU B 159 18.19 15.96 -18.11
CA LEU B 159 19.10 14.94 -18.56
C LEU B 159 18.59 14.29 -19.87
N ALA B 160 17.28 14.16 -19.98
CA ALA B 160 16.63 13.44 -21.07
C ALA B 160 16.28 14.35 -22.25
N THR B 161 16.74 15.59 -22.21
CA THR B 161 16.59 16.52 -23.34
C THR B 161 17.92 17.16 -23.73
N GLU B 162 17.91 17.93 -24.81
CA GLU B 162 19.14 18.43 -25.40
C GLU B 162 19.21 19.94 -25.47
N ASP B 163 19.02 20.58 -24.33
CA ASP B 163 19.12 22.03 -24.24
C ASP B 163 20.48 22.54 -24.76
N PRO B 164 20.47 23.63 -25.51
CA PRO B 164 21.70 24.28 -26.00
C PRO B 164 22.82 24.49 -24.93
N GLY B 165 22.42 24.85 -23.70
CA GLY B 165 23.38 25.05 -22.61
C GLY B 165 24.27 23.85 -22.29
N ARG B 166 23.90 22.67 -22.78
CA ARG B 166 24.61 21.41 -22.49
C ARG B 166 25.10 20.71 -23.75
N ALA B 167 25.25 21.48 -24.83
CA ALA B 167 25.57 20.93 -26.14
C ALA B 167 26.97 20.28 -26.16
N TYR B 168 27.81 20.66 -25.19
CA TYR B 168 29.15 20.08 -25.04
C TYR B 168 29.20 19.08 -23.86
N GLY B 169 28.05 18.57 -23.45
CA GLY B 169 27.98 17.60 -22.34
C GLY B 169 28.16 18.19 -20.96
N GLU B 170 27.83 19.48 -20.79
CA GLU B 170 27.98 20.18 -19.51
C GLU B 170 27.06 19.56 -18.45
N GLU B 171 27.48 19.68 -17.20
CA GLU B 171 26.72 19.18 -16.08
C GLU B 171 25.44 20.00 -15.91
N ILE B 172 24.43 19.40 -15.29
CA ILE B 172 23.14 20.03 -15.02
C ILE B 172 23.19 20.97 -13.80
N HIS B 173 22.78 22.22 -14.00
CA HIS B 173 22.72 23.21 -12.95
C HIS B 173 21.77 24.34 -13.37
N HIS B 174 21.36 25.15 -12.40
CA HIS B 174 20.42 26.26 -12.60
C HIS B 174 19.15 25.84 -13.36
N VAL B 175 18.67 24.63 -13.07
CA VAL B 175 17.41 24.19 -13.63
C VAL B 175 16.29 25.06 -13.08
N ASP B 176 15.47 25.56 -14.00
CA ASP B 176 14.40 26.49 -13.67
C ASP B 176 13.07 25.87 -14.02
N ALA B 177 12.30 25.50 -13.01
CA ALA B 177 11.02 24.85 -13.18
C ALA B 177 9.96 25.76 -13.80
N ASN B 178 10.25 27.05 -13.87
CA ASN B 178 9.34 28.06 -14.44
C ASN B 178 9.42 28.22 -15.96
N VAL B 179 10.43 27.59 -16.54
CA VAL B 179 10.66 27.61 -17.96
C VAL B 179 9.93 26.41 -18.56
N GLU B 180 8.90 26.67 -19.37
CA GLU B 180 7.99 25.63 -19.83
C GLU B 180 7.41 25.93 -21.22
N PHE B 181 6.91 24.88 -21.85
CA PHE B 181 6.32 24.94 -23.16
C PHE B 181 4.93 24.30 -23.06
N CYS B 182 3.94 24.97 -23.65
CA CYS B 182 2.56 24.49 -23.69
C CYS B 182 1.98 24.37 -25.14
N SER B 183 1.35 23.24 -25.41
CA SER B 183 0.67 22.96 -26.67
C SER B 183 -0.82 23.23 -26.43
N VAL B 184 -1.44 23.93 -27.37
CA VAL B 184 -2.84 24.22 -27.30
C VAL B 184 -3.54 23.25 -28.22
N VAL B 185 -4.32 22.36 -27.61
CA VAL B 185 -4.80 21.17 -28.27
C VAL B 185 -6.35 21.15 -28.31
N ARG B 186 -6.92 20.84 -29.47
CA ARG B 186 -8.37 20.63 -29.59
C ARG B 186 -8.68 19.14 -29.73
N THR B 187 -9.75 18.72 -29.05
CA THR B 187 -10.30 17.38 -29.20
C THR B 187 -11.81 17.42 -28.97
N LYS B 188 -12.41 16.24 -28.91
CA LYS B 188 -13.83 16.10 -28.67
C LYS B 188 -13.98 14.78 -27.95
N LEU B 189 -14.56 14.86 -26.76
CA LEU B 189 -14.92 13.71 -25.96
C LEU B 189 -16.44 13.56 -25.99
N GLY B 190 -16.94 12.54 -26.69
CA GLY B 190 -18.38 12.39 -26.89
C GLY B 190 -18.94 13.52 -27.76
N ALA B 191 -19.89 14.28 -27.23
CA ALA B 191 -20.50 15.43 -27.97
C ALA B 191 -20.01 16.79 -27.46
N HIS B 192 -18.88 16.81 -26.75
CA HIS B 192 -18.32 18.06 -26.26
C HIS B 192 -16.90 18.30 -26.79
N ARG B 193 -16.78 19.33 -27.62
CA ARG B 193 -15.48 19.82 -28.07
C ARG B 193 -14.78 20.52 -26.90
N VAL B 194 -13.47 20.30 -26.82
CA VAL B 194 -12.63 20.75 -25.73
C VAL B 194 -11.36 21.36 -26.30
N MET B 195 -10.92 22.44 -25.66
CA MET B 195 -9.67 23.15 -25.99
C MET B 195 -8.81 23.13 -24.74
N MET B 196 -7.62 22.55 -24.84
CA MET B 196 -6.80 22.48 -23.64
C MET B 196 -5.38 22.95 -23.89
N GLY B 197 -4.77 23.40 -22.82
CA GLY B 197 -3.33 23.69 -22.79
C GLY B 197 -2.65 22.51 -22.09
N ALA B 198 -1.72 21.90 -22.80
CA ALA B 198 -1.00 20.75 -22.27
C ALA B 198 0.47 21.09 -22.23
N GLU B 199 1.06 21.08 -21.03
CA GLU B 199 2.49 21.30 -20.85
C GLU B 199 3.24 20.08 -21.39
N MET B 200 4.11 20.28 -22.39
CA MET B 200 4.82 19.20 -23.05
C MET B 200 6.27 19.22 -22.64
N ASP B 201 6.81 18.06 -22.35
CA ASP B 201 8.15 18.00 -21.80
C ASP B 201 9.20 18.14 -22.87
N CYS B 202 8.93 17.60 -24.06
CA CYS B 202 9.85 17.67 -25.19
C CYS B 202 9.17 17.05 -26.37
N CYS B 203 9.85 17.08 -27.51
CA CYS B 203 9.40 16.42 -28.71
C CYS B 203 10.51 15.70 -29.42
N ASP B 204 10.13 14.88 -30.42
CA ASP B 204 11.04 14.34 -31.33
C ASP B 204 10.35 14.32 -32.70
N VAL B 205 11.08 13.87 -33.71
CA VAL B 205 10.55 13.86 -35.07
C VAL B 205 10.69 12.47 -35.70
N SER B 206 9.59 12.01 -36.32
CA SER B 206 9.56 10.70 -36.95
C SER B 206 10.43 10.64 -38.21
N ASP B 207 10.53 9.44 -38.79
CA ASP B 207 11.16 9.24 -40.10
C ASP B 207 10.34 9.87 -41.24
N LYS B 208 9.11 10.31 -40.97
CA LYS B 208 8.28 10.96 -41.97
C LYS B 208 8.15 12.47 -41.74
N GLY B 209 8.98 13.00 -40.83
CA GLY B 209 9.00 14.41 -40.50
C GLY B 209 7.85 14.84 -39.63
N LYS B 210 7.24 13.88 -38.95
CA LYS B 210 6.11 14.19 -38.11
C LYS B 210 6.69 14.51 -36.73
N ARG B 211 6.34 15.68 -36.21
CA ARG B 211 6.76 16.03 -34.87
C ARG B 211 5.77 15.42 -33.90
N PHE B 212 6.28 14.85 -32.81
CA PHE B 212 5.41 14.31 -31.80
C PHE B 212 5.98 14.61 -30.43
N TYR B 213 5.11 14.75 -29.45
CA TYR B 213 5.54 15.04 -28.07
C TYR B 213 5.92 13.77 -27.33
N VAL B 214 6.83 13.90 -26.35
CA VAL B 214 7.22 12.74 -25.54
C VAL B 214 7.10 13.19 -24.09
N GLU B 215 6.40 12.45 -23.24
CA GLU B 215 6.31 12.80 -21.80
C GLU B 215 7.50 12.14 -21.08
N LEU B 216 8.06 12.81 -20.07
CA LEU B 216 9.22 12.35 -19.36
C LEU B 216 8.85 12.18 -17.88
N LYS B 217 9.04 11.00 -17.33
CA LYS B 217 8.61 10.75 -15.96
C LYS B 217 9.77 10.11 -15.21
N THR B 218 9.77 10.30 -13.88
CA THR B 218 10.74 9.69 -12.99
C THR B 218 9.99 8.99 -11.88
N THR B 219 10.41 7.76 -11.54
CA THR B 219 9.77 7.03 -10.41
C THR B 219 10.80 6.10 -9.79
N ARG B 220 10.58 5.66 -8.54
CA ARG B 220 11.44 4.64 -7.96
C ARG B 220 11.45 3.34 -8.76
N GLU B 221 12.65 2.74 -8.87
CA GLU B 221 12.80 1.50 -9.60
C GLU B 221 11.91 0.44 -8.94
N LEU B 222 11.36 -0.43 -9.77
CA LEU B 222 10.36 -1.38 -9.31
C LEU B 222 11.00 -2.54 -8.54
N ASP B 223 10.30 -3.00 -7.52
CA ASP B 223 10.61 -4.30 -6.93
C ASP B 223 9.30 -5.06 -6.76
N ASP B 224 9.35 -6.31 -6.30
CA ASP B 224 8.12 -7.08 -6.23
C ASP B 224 7.04 -6.40 -5.39
N ARG B 225 7.42 -5.66 -4.36
CA ARG B 225 6.44 -5.04 -3.49
C ARG B 225 5.90 -3.69 -3.99
N THR B 226 6.44 -3.19 -5.09
CA THR B 226 5.94 -1.93 -5.63
C THR B 226 5.38 -2.03 -7.07
N VAL B 227 5.44 -3.21 -7.68
CA VAL B 227 4.85 -3.44 -9.02
C VAL B 227 3.37 -3.13 -9.08
N ASP B 228 2.60 -3.63 -8.11
CA ASP B 228 1.15 -3.39 -8.16
C ASP B 228 0.76 -1.92 -8.15
N ARG B 229 1.32 -1.12 -7.25
CA ARG B 229 0.94 0.30 -7.20
C ARG B 229 1.44 1.07 -8.44
N PHE B 230 2.53 0.63 -9.03
CA PHE B 230 3.01 1.20 -10.32
C PHE B 230 1.99 0.92 -11.45
N GLU B 231 1.57 -0.33 -11.53
CA GLU B 231 0.67 -0.80 -12.59
C GLU B 231 -0.70 -0.21 -12.41
N ARG B 232 -1.10 -0.11 -11.15
CA ARG B 232 -2.49 0.23 -10.84
C ARG B 232 -2.77 1.69 -10.74
N GLU B 233 -1.84 2.44 -10.15
CA GLU B 233 -2.03 3.89 -9.93
C GLU B 233 -1.18 4.76 -10.84
N LYS B 234 0.14 4.55 -10.81
CA LYS B 234 1.07 5.40 -11.54
C LYS B 234 0.85 5.33 -13.05
N LEU B 235 0.68 4.13 -13.58
CA LEU B 235 0.50 3.99 -15.01
C LEU B 235 -0.87 4.52 -15.46
N LEU B 236 -1.86 4.49 -14.56
CA LEU B 236 -3.18 5.10 -14.86
C LEU B 236 -3.04 6.60 -15.03
N LYS B 237 -2.37 7.23 -14.07
CA LYS B 237 -2.07 8.66 -14.12
C LYS B 237 -1.28 9.06 -15.33
N PHE B 238 -0.21 8.31 -15.64
CA PHE B 238 0.53 8.49 -16.88
C PHE B 238 -0.31 8.43 -18.19
N TRP B 239 -1.15 7.39 -18.28
CA TRP B 239 -1.91 7.15 -19.51
C TRP B 239 -2.95 8.26 -19.65
N ILE B 240 -3.55 8.64 -18.54
CA ILE B 240 -4.65 9.66 -18.60
C ILE B 240 -4.10 10.97 -19.21
N GLN B 241 -3.01 11.43 -18.63
CA GLN B 241 -2.34 12.66 -19.08
C GLN B 241 -1.90 12.61 -20.55
N SER B 242 -1.19 11.56 -20.96
CA SER B 242 -0.71 11.48 -22.32
C SER B 242 -1.83 11.19 -23.33
N PHE B 243 -2.79 10.34 -22.96
CA PHE B 243 -3.84 9.96 -23.93
C PHE B 243 -4.68 11.18 -24.34
N VAL B 244 -5.01 12.01 -23.39
CA VAL B 244 -5.97 13.09 -23.66
C VAL B 244 -5.36 14.19 -24.53
N ALA B 245 -4.03 14.28 -24.58
CA ALA B 245 -3.39 15.29 -25.45
C ALA B 245 -2.69 14.66 -26.62
N GLY B 246 -2.90 13.36 -26.85
CA GLY B 246 -2.39 12.69 -28.03
C GLY B 246 -0.90 12.47 -28.03
N VAL B 247 -0.32 12.33 -26.84
CA VAL B 247 1.13 12.11 -26.71
C VAL B 247 1.40 10.60 -26.85
N PRO B 248 2.21 10.18 -27.84
CA PRO B 248 2.31 8.76 -28.19
C PRO B 248 3.26 7.97 -27.30
N TYR B 249 4.18 8.66 -26.63
CA TYR B 249 5.20 7.94 -25.85
C TYR B 249 5.51 8.62 -24.52
N ILE B 250 5.84 7.78 -23.53
CA ILE B 250 6.24 8.22 -22.22
C ILE B 250 7.59 7.57 -21.94
N VAL B 251 8.62 8.35 -21.66
CA VAL B 251 9.90 7.78 -21.33
C VAL B 251 10.03 7.93 -19.80
N VAL B 252 10.26 6.79 -19.15
CA VAL B 252 10.37 6.75 -17.67
C VAL B 252 11.84 6.53 -17.27
N GLY B 253 12.31 7.34 -16.34
CA GLY B 253 13.59 7.15 -15.68
C GLY B 253 13.30 6.54 -14.32
N PHE B 254 13.71 5.31 -14.14
CA PHE B 254 13.64 4.63 -12.86
C PHE B 254 14.88 4.94 -12.02
N ARG B 255 14.67 5.33 -10.77
CA ARG B 255 15.76 5.78 -9.93
C ARG B 255 15.79 4.98 -8.61
N ASP B 256 16.95 5.00 -7.96
CA ASP B 256 17.07 4.35 -6.64
C ASP B 256 16.74 5.27 -5.49
N ASP B 257 16.88 4.78 -4.24
CA ASP B 257 16.52 5.57 -3.09
C ASP B 257 17.46 6.75 -2.85
N GLY B 258 18.62 6.78 -3.51
CA GLY B 258 19.55 7.92 -3.39
C GLY B 258 19.47 8.91 -4.55
N GLY B 259 18.53 8.69 -5.45
CA GLY B 259 18.33 9.61 -6.55
C GLY B 259 19.18 9.29 -7.78
N ARG B 260 19.77 8.09 -7.85
CA ARG B 260 20.54 7.73 -9.06
C ARG B 260 19.63 7.11 -10.12
N LEU B 261 19.86 7.44 -11.39
CA LEU B 261 19.16 6.82 -12.56
C LEU B 261 19.66 5.40 -12.77
N VAL B 262 18.78 4.43 -12.67
CA VAL B 262 19.21 3.02 -12.75
C VAL B 262 18.66 2.27 -13.98
N ARG B 263 17.61 2.79 -14.61
CA ARG B 263 17.02 2.16 -15.77
C ARG B 263 16.13 3.19 -16.51
N THR B 264 16.03 3.04 -17.82
CA THR B 264 15.12 3.84 -18.61
C THR B 264 14.22 2.93 -19.44
N GLU B 265 12.99 3.39 -19.72
CA GLU B 265 12.09 2.59 -20.55
C GLU B 265 11.17 3.51 -21.33
N ARG B 266 10.95 3.22 -22.61
CA ARG B 266 9.95 3.92 -23.40
C ARG B 266 8.64 3.12 -23.34
N LEU B 267 7.57 3.79 -22.97
CA LEU B 267 6.24 3.20 -23.01
C LEU B 267 5.45 3.84 -24.12
N THR B 268 4.59 3.06 -24.77
CA THR B 268 3.74 3.58 -25.82
C THR B 268 2.38 3.79 -25.18
N THR B 269 1.91 5.02 -25.20
CA THR B 269 0.74 5.38 -24.47
C THR B 269 -0.43 4.45 -24.73
N ARG B 270 -0.69 4.18 -26.00
CA ARG B 270 -1.85 3.36 -26.40
C ARG B 270 -1.74 1.95 -25.81
N ASP B 271 -0.50 1.46 -25.78
CA ASP B 271 -0.22 0.13 -25.27
C ASP B 271 -0.41 0.02 -23.75
N ILE B 272 -0.15 1.11 -23.01
CA ILE B 272 -0.34 1.11 -21.57
C ILE B 272 -1.77 0.71 -21.21
N ALA B 273 -2.75 1.35 -21.84
CA ALA B 273 -4.14 1.11 -21.48
C ALA B 273 -4.59 -0.31 -21.89
N HIS B 274 -4.08 -0.81 -23.01
CA HIS B 274 -4.39 -2.18 -23.51
C HIS B 274 -3.88 -3.21 -22.52
N ARG B 275 -2.60 -3.11 -22.21
CA ARG B 275 -2.02 -3.95 -21.21
C ARG B 275 -2.71 -3.83 -19.80
N ALA B 276 -3.12 -2.65 -19.34
CA ALA B 276 -3.76 -2.50 -18.00
C ALA B 276 -5.13 -3.18 -17.95
N ARG B 277 -5.85 -3.12 -19.08
CA ARG B 277 -7.12 -3.86 -19.17
C ARG B 277 -6.86 -5.36 -19.24
N LEU B 278 -5.90 -5.80 -20.05
CA LEU B 278 -5.59 -7.23 -20.18
C LEU B 278 -5.21 -7.86 -18.83
N LYS B 279 -4.49 -7.09 -18.02
CA LYS B 279 -4.04 -7.59 -16.70
C LYS B 279 -4.98 -7.20 -15.60
N ASN B 280 -6.09 -6.54 -15.95
CA ASN B 280 -7.14 -6.17 -15.02
C ASN B 280 -6.76 -5.20 -13.89
N TYR B 281 -5.89 -4.23 -14.19
CA TYR B 281 -5.59 -3.17 -13.23
C TYR B 281 -6.58 -2.01 -13.32
N TRP B 282 -6.96 -1.68 -14.55
CA TRP B 282 -7.94 -0.58 -14.80
C TRP B 282 -8.31 -0.54 -16.27
N GLN B 283 -9.39 0.17 -16.61
CA GLN B 283 -9.89 0.21 -17.97
C GLN B 283 -9.99 1.68 -18.38
N GLY B 284 -9.24 2.05 -19.41
CA GLY B 284 -9.19 3.43 -19.92
C GLY B 284 -10.57 3.85 -20.40
N GLY B 285 -11.24 2.92 -21.08
CA GLY B 285 -12.61 3.10 -21.57
C GLY B 285 -13.54 3.53 -20.47
N VAL B 286 -13.32 3.02 -19.26
CA VAL B 286 -14.08 3.41 -18.09
C VAL B 286 -13.84 4.86 -17.73
N CYS B 287 -12.57 5.30 -17.69
CA CYS B 287 -12.30 6.69 -17.37
C CYS B 287 -12.95 7.62 -18.43
N LEU B 288 -12.85 7.25 -19.70
CA LEU B 288 -13.37 8.05 -20.84
C LEU B 288 -14.86 8.14 -20.84
N ALA B 289 -15.51 7.00 -20.59
CA ALA B 289 -16.98 6.94 -20.46
C ALA B 289 -17.44 7.77 -19.29
N PHE B 290 -16.72 7.71 -18.19
CA PHE B 290 -17.08 8.50 -17.02
C PHE B 290 -16.84 10.00 -17.27
N ALA B 291 -15.69 10.32 -17.88
CA ALA B 291 -15.41 11.71 -18.23
C ALA B 291 -16.59 12.28 -19.05
N ASP B 292 -17.09 11.47 -20.00
CA ASP B 292 -18.20 11.86 -20.87
C ASP B 292 -19.45 12.14 -20.08
N GLU B 293 -19.75 11.25 -19.13
CA GLU B 293 -20.87 11.45 -18.21
C GLU B 293 -20.65 12.73 -17.39
N VAL B 294 -19.41 13.02 -17.00
CA VAL B 294 -19.12 14.22 -16.18
C VAL B 294 -19.21 15.54 -17.00
N LEU B 295 -18.85 15.51 -18.28
CA LEU B 295 -18.93 16.72 -19.11
C LEU B 295 -20.38 16.98 -19.54
N CYS B 296 -21.09 15.90 -19.88
CA CYS B 296 -22.54 15.94 -20.13
C CYS B 296 -23.30 16.54 -18.92
N TRP B 297 -22.98 16.11 -17.71
CA TRP B 297 -23.60 16.65 -16.49
C TRP B 297 -23.30 18.13 -16.32
N LEU B 298 -22.02 18.48 -16.35
CA LEU B 298 -21.58 19.86 -16.11
C LEU B 298 -22.19 20.84 -17.11
N TYR B 299 -22.26 20.46 -18.39
CA TYR B 299 -22.76 21.34 -19.45
C TYR B 299 -24.28 21.48 -19.38
N GLY B 300 -24.96 20.53 -18.75
CA GLY B 300 -26.41 20.62 -18.52
C GLY B 300 -26.84 21.22 -17.19
N THR B 301 -25.90 21.63 -16.35
CA THR B 301 -26.19 22.15 -14.99
C THR B 301 -25.58 23.52 -14.72
N VAL B 302 -24.41 23.78 -15.30
CA VAL B 302 -23.66 25.01 -15.06
C VAL B 302 -24.31 26.15 -15.85
N LYS B 303 -24.69 27.20 -15.13
CA LYS B 303 -25.50 28.29 -15.69
C LYS B 303 -24.67 29.47 -16.18
N GLU B 304 -25.11 30.03 -17.31
CA GLU B 304 -24.47 31.16 -17.95
C GLU B 304 -24.13 32.27 -16.96
N ASN B 305 -22.87 32.69 -17.00
CA ASN B 305 -22.35 33.83 -16.23
C ASN B 305 -22.38 33.65 -14.72
N GLU B 306 -22.48 32.39 -14.29
CA GLU B 306 -22.40 32.02 -12.89
C GLU B 306 -21.02 31.41 -12.59
N ASP B 307 -20.63 31.46 -11.31
CA ASP B 307 -19.37 30.90 -10.83
C ASP B 307 -19.62 29.70 -9.91
N TYR B 308 -18.86 28.62 -10.10
CA TYR B 308 -18.96 27.40 -9.29
C TYR B 308 -17.59 26.83 -8.95
N ILE B 309 -17.58 25.99 -7.91
CA ILE B 309 -16.46 25.06 -7.61
C ILE B 309 -16.88 23.64 -7.97
N LEU B 310 -16.01 22.86 -8.62
CA LEU B 310 -16.23 21.44 -8.83
C LEU B 310 -15.18 20.77 -8.00
N GLN B 311 -15.60 19.87 -7.11
CA GLN B 311 -14.63 19.24 -6.19
C GLN B 311 -14.88 17.76 -5.96
N PHE B 312 -13.79 17.06 -5.64
CA PHE B 312 -13.83 15.62 -5.36
C PHE B 312 -13.01 15.44 -4.10
N VAL B 313 -13.71 15.11 -3.02
CA VAL B 313 -13.09 15.02 -1.70
C VAL B 313 -13.65 13.85 -0.93
N HIS B 314 -13.02 13.55 0.19
CA HIS B 314 -13.32 12.35 0.96
C HIS B 314 -14.81 12.33 1.30
N PRO B 315 -15.47 11.17 1.21
CA PRO B 315 -14.93 9.82 0.99
C PRO B 315 -14.93 9.39 -0.48
N PHE B 316 -14.95 10.36 -1.41
CA PHE B 316 -14.75 10.07 -2.82
C PHE B 316 -15.85 9.18 -3.44
N MET B 317 -17.11 9.50 -3.09
CA MET B 317 -18.26 8.76 -3.60
C MET B 317 -19.15 9.60 -4.54
N ARG B 318 -18.95 10.91 -4.53
CA ARG B 318 -19.67 11.83 -5.43
C ARG B 318 -18.75 12.99 -5.88
N LEU B 319 -19.01 13.52 -7.06
CA LEU B 319 -18.49 14.84 -7.42
C LEU B 319 -19.51 15.86 -6.90
N GLU B 320 -19.01 16.95 -6.33
CA GLU B 320 -19.89 18.01 -5.81
C GLU B 320 -19.69 19.30 -6.58
N LEU B 321 -20.78 19.86 -7.11
CA LEU B 321 -20.76 21.20 -7.72
C LEU B 321 -21.34 22.20 -6.74
N LEU B 322 -20.52 23.18 -6.36
CA LEU B 322 -20.87 24.19 -5.37
C LEU B 322 -20.94 25.60 -5.95
N GLN B 323 -21.71 26.46 -5.27
CA GLN B 323 -21.82 27.90 -5.58
C GLN B 323 -20.54 28.67 -5.25
N ALA B 324 -20.09 29.53 -6.15
CA ALA B 324 -18.85 30.30 -5.95
C ALA B 324 -19.10 31.79 -5.87
N GLN B 325 -18.17 32.52 -5.25
CA GLN B 325 -18.34 33.95 -4.97
C GLN B 325 -18.01 34.88 -6.14
N SER B 326 -16.99 34.54 -6.95
CA SER B 326 -16.51 35.45 -8.00
C SER B 326 -15.65 34.77 -9.07
N CYS B 327 -15.36 35.52 -10.12
CA CYS B 327 -14.56 35.04 -11.25
C CYS B 327 -13.16 35.62 -11.16
N PRO B 328 -12.16 34.92 -11.72
CA PRO B 328 -10.84 35.57 -11.87
C PRO B 328 -10.83 36.63 -12.97
N ASP B 329 -10.03 37.68 -12.79
CA ASP B 329 -9.84 38.72 -13.81
C ASP B 329 -9.40 38.16 -15.17
N ALA B 330 -8.60 37.10 -15.16
CA ALA B 330 -8.07 36.52 -16.39
C ALA B 330 -9.18 36.10 -17.34
N ILE B 331 -10.25 35.51 -16.79
CA ILE B 331 -11.35 35.05 -17.62
C ILE B 331 -12.25 36.25 -18.04
N THR B 332 -12.48 37.16 -17.11
CA THR B 332 -13.33 38.34 -17.34
C THR B 332 -12.73 39.15 -18.49
N ASN B 333 -11.44 39.43 -18.35
CA ASN B 333 -10.67 40.11 -19.40
C ASN B 333 -10.73 39.39 -20.76
N HIS B 334 -10.60 38.06 -20.77
CA HIS B 334 -10.66 37.27 -22.02
C HIS B 334 -12.02 37.41 -22.75
N VAL B 335 -13.10 37.31 -21.98
CA VAL B 335 -14.44 37.33 -22.55
C VAL B 335 -14.68 38.74 -23.13
N HIS B 336 -14.37 39.76 -22.33
CA HIS B 336 -14.37 41.16 -22.80
C HIS B 336 -13.70 41.28 -24.17
N LEU B 337 -12.47 40.78 -24.25
CA LEU B 337 -11.66 40.98 -25.44
C LEU B 337 -12.18 40.21 -26.66
N LEU B 338 -12.91 39.11 -26.43
CA LEU B 338 -13.65 38.45 -27.51
C LEU B 338 -14.80 39.35 -28.02
#